data_1ZKM
#
_entry.id   1ZKM
#
_cell.length_a   360.168
_cell.length_b   360.168
_cell.length_c   360.168
_cell.angle_alpha   90.00
_cell.angle_beta   90.00
_cell.angle_gamma   90.00
#
_symmetry.space_group_name_H-M   'F 41 3 2'
#
loop_
_entity.id
_entity.type
_entity.pdbx_description
1 polymer 'Adenylyltransferase thiF'
2 non-polymer 'ZINC ION'
#
_entity_poly.entity_id   1
_entity_poly.type   'polypeptide(L)'
_entity_poly.pdbx_seq_one_letter_code
;GSMNDRDFMRYSRQILLDDIALDGQQKLLDSQVLIIGLGGLGTPAALYLAGAGVGTLVLADDDDVHLSNLQRQILFTTED
IDRPKSQVSQQRLTQLNPDIQLTALQQRLTGEALKDAVARADVVLDCTDNMATRQEINAACVALNTPLITASAVGFGGQL
MVLTPPWEQGCYRCLWPDNQEPERNCRTAGVVGPVVGVMGTLQALEAIKLLSGIETPAGELRLFDGKSSQWRSLALRRAS
GCPVCGGSNADPV
;
_entity_poly.pdbx_strand_id   A,B,C,D
#
# COMPACT_ATOMS: atom_id res chain seq x y z
N MET A 3 -28.35 -17.60 29.86
CA MET A 3 -27.42 -18.77 29.69
C MET A 3 -26.82 -19.18 31.02
N ASN A 4 -25.76 -19.98 30.97
CA ASN A 4 -25.10 -20.49 32.17
C ASN A 4 -24.14 -19.49 32.85
N ASP A 5 -23.75 -19.80 34.08
CA ASP A 5 -22.82 -18.98 34.89
C ASP A 5 -21.38 -19.44 34.54
N ARG A 6 -21.28 -20.61 33.92
CA ARG A 6 -20.00 -21.17 33.48
C ARG A 6 -19.74 -20.58 32.09
N ASP A 7 -20.73 -20.76 31.20
CA ASP A 7 -20.64 -20.22 29.85
C ASP A 7 -20.21 -18.77 29.96
N PHE A 8 -20.68 -18.10 31.01
CA PHE A 8 -20.31 -16.72 31.21
C PHE A 8 -18.81 -16.63 31.31
N MET A 9 -18.21 -17.50 32.11
CA MET A 9 -16.77 -17.47 32.29
C MET A 9 -16.02 -17.72 30.98
N ARG A 10 -16.44 -18.75 30.25
CA ARG A 10 -15.82 -19.09 28.99
C ARG A 10 -15.91 -17.94 27.99
N TYR A 11 -17.10 -17.39 27.84
CA TYR A 11 -17.32 -16.27 26.91
C TYR A 11 -17.07 -14.93 27.59
N SER A 12 -16.44 -14.97 28.75
CA SER A 12 -16.18 -13.76 29.51
C SER A 12 -15.57 -12.62 28.70
N ARG A 13 -14.52 -12.90 27.92
CA ARG A 13 -13.84 -11.86 27.14
C ARG A 13 -14.66 -11.19 26.03
N GLN A 14 -15.70 -11.86 25.58
CA GLN A 14 -16.56 -11.31 24.54
C GLN A 14 -17.72 -10.58 25.21
N ILE A 15 -18.34 -11.25 26.18
CA ILE A 15 -19.46 -10.69 26.92
C ILE A 15 -19.07 -9.36 27.56
N LEU A 16 -17.82 -9.28 28.01
CA LEU A 16 -17.32 -8.07 28.63
C LEU A 16 -17.18 -6.93 27.62
N LEU A 17 -17.42 -7.23 26.33
CA LEU A 17 -17.31 -6.22 25.30
C LEU A 17 -18.64 -5.59 24.95
N ASP A 18 -18.69 -4.27 25.09
CA ASP A 18 -19.88 -3.48 24.80
C ASP A 18 -20.59 -3.89 23.52
N ASP A 19 -19.86 -3.95 22.41
CA ASP A 19 -20.45 -4.31 21.13
C ASP A 19 -21.01 -5.72 21.00
N ILE A 20 -20.72 -6.59 21.96
CA ILE A 20 -21.22 -7.96 21.90
C ILE A 20 -22.14 -8.23 23.08
N ALA A 21 -21.59 -8.07 24.27
CA ALA A 21 -22.31 -8.30 25.52
C ALA A 21 -23.15 -9.57 25.50
N LEU A 22 -23.92 -9.76 26.56
CA LEU A 22 -24.75 -10.94 26.69
C LEU A 22 -25.70 -11.18 25.52
N ASP A 23 -26.22 -10.11 24.93
CA ASP A 23 -27.14 -10.23 23.81
C ASP A 23 -26.48 -10.94 22.63
N GLY A 24 -25.47 -10.27 22.07
CA GLY A 24 -24.75 -10.80 20.93
C GLY A 24 -24.27 -12.21 21.20
N GLN A 25 -23.74 -12.40 22.41
CA GLN A 25 -23.23 -13.71 22.80
C GLN A 25 -24.29 -14.79 22.65
N GLN A 26 -25.55 -14.42 22.89
CA GLN A 26 -26.62 -15.39 22.74
C GLN A 26 -26.82 -15.57 21.25
N LYS A 27 -26.81 -14.45 20.52
CA LYS A 27 -26.96 -14.44 19.06
C LYS A 27 -25.90 -15.38 18.46
N LEU A 28 -24.66 -15.25 18.92
CA LEU A 28 -23.58 -16.12 18.44
C LEU A 28 -23.97 -17.56 18.71
N LEU A 29 -24.43 -17.85 19.94
CA LEU A 29 -24.83 -19.19 20.31
C LEU A 29 -26.01 -19.72 19.50
N ASP A 30 -26.86 -18.80 19.04
CA ASP A 30 -28.04 -19.19 18.25
C ASP A 30 -27.74 -19.18 16.75
N SER A 31 -26.54 -18.76 16.39
CA SER A 31 -26.14 -18.68 14.99
C SER A 31 -25.51 -19.94 14.42
N GLN A 32 -25.58 -20.05 13.09
CA GLN A 32 -24.99 -21.17 12.38
C GLN A 32 -24.06 -20.63 11.28
N VAL A 33 -22.95 -21.35 11.04
CA VAL A 33 -21.97 -20.95 10.03
C VAL A 33 -21.43 -22.11 9.21
N LEU A 34 -21.44 -21.94 7.90
CA LEU A 34 -20.93 -22.95 6.98
C LEU A 34 -19.53 -22.52 6.54
N ILE A 35 -18.59 -23.45 6.65
CA ILE A 35 -17.21 -23.19 6.26
C ILE A 35 -16.82 -24.25 5.22
N ILE A 36 -16.78 -23.82 3.97
CA ILE A 36 -16.44 -24.73 2.88
C ILE A 36 -14.93 -24.67 2.71
N GLY A 37 -14.27 -25.78 3.01
CA GLY A 37 -12.81 -25.85 2.91
C GLY A 37 -12.14 -25.61 4.26
N LEU A 38 -11.39 -26.60 4.74
CA LEU A 38 -10.70 -26.49 6.02
C LEU A 38 -9.19 -26.59 5.87
N GLY A 39 -8.58 -25.61 5.20
CA GLY A 39 -7.14 -25.64 4.99
C GLY A 39 -6.41 -24.55 5.75
N GLY A 40 -5.53 -23.83 5.08
CA GLY A 40 -4.79 -22.76 5.73
C GLY A 40 -5.69 -21.56 5.93
N LEU A 41 -6.82 -21.58 5.23
CA LEU A 41 -7.78 -20.49 5.29
C LEU A 41 -8.94 -20.77 6.22
N GLY A 42 -9.56 -21.94 6.05
CA GLY A 42 -10.71 -22.30 6.88
C GLY A 42 -10.39 -22.83 8.25
N THR A 43 -9.18 -23.35 8.42
CA THR A 43 -8.72 -23.90 9.68
C THR A 43 -8.71 -22.88 10.83
N PRO A 44 -8.03 -21.75 10.65
CA PRO A 44 -8.03 -20.81 11.76
C PRO A 44 -9.37 -20.09 11.79
N ALA A 45 -10.16 -20.23 10.74
CA ALA A 45 -11.46 -19.58 10.71
C ALA A 45 -12.35 -20.34 11.68
N ALA A 46 -12.36 -21.66 11.53
CA ALA A 46 -13.16 -22.54 12.37
C ALA A 46 -12.69 -22.51 13.82
N LEU A 47 -11.38 -22.48 14.01
CA LEU A 47 -10.84 -22.49 15.34
C LEU A 47 -11.34 -21.30 16.15
N TYR A 48 -11.29 -20.12 15.55
CA TYR A 48 -11.74 -18.92 16.24
C TYR A 48 -13.24 -18.80 16.36
N LEU A 49 -13.99 -19.37 15.43
CA LEU A 49 -15.43 -19.25 15.55
C LEU A 49 -15.94 -20.10 16.71
N ALA A 50 -15.48 -21.35 16.78
CA ALA A 50 -15.86 -22.24 17.87
C ALA A 50 -15.56 -21.58 19.21
N GLY A 51 -14.31 -21.19 19.41
CA GLY A 51 -13.94 -20.56 20.66
C GLY A 51 -14.70 -19.29 20.99
N ALA A 52 -15.34 -18.70 19.98
CA ALA A 52 -16.10 -17.48 20.14
C ALA A 52 -17.53 -17.85 20.54
N GLY A 53 -17.84 -19.13 20.37
CA GLY A 53 -19.16 -19.61 20.73
C GLY A 53 -20.18 -19.66 19.62
N VAL A 54 -19.76 -19.71 18.37
CA VAL A 54 -20.75 -19.76 17.31
C VAL A 54 -21.55 -21.05 17.53
N GLY A 55 -22.85 -20.91 17.75
CA GLY A 55 -23.71 -22.06 17.99
C GLY A 55 -23.48 -23.29 17.14
N THR A 56 -23.60 -23.13 15.84
CA THR A 56 -23.41 -24.28 14.96
C THR A 56 -22.33 -24.02 13.91
N LEU A 57 -21.60 -25.07 13.58
CA LEU A 57 -20.53 -25.00 12.60
C LEU A 57 -20.53 -26.23 11.70
N VAL A 58 -20.71 -25.99 10.40
CA VAL A 58 -20.71 -27.08 9.44
C VAL A 58 -19.40 -27.02 8.68
N LEU A 59 -18.55 -28.02 8.88
CA LEU A 59 -17.26 -28.08 8.23
C LEU A 59 -17.31 -29.04 7.05
N ALA A 60 -17.11 -28.50 5.85
CA ALA A 60 -17.14 -29.29 4.62
C ALA A 60 -15.77 -29.31 3.97
N ASP A 61 -15.25 -30.50 3.74
CA ASP A 61 -13.93 -30.64 3.12
C ASP A 61 -13.75 -32.09 2.74
N ASP A 62 -13.47 -32.33 1.46
CA ASP A 62 -13.31 -33.69 0.95
C ASP A 62 -11.88 -34.24 0.94
N ASP A 63 -10.92 -33.57 1.55
CA ASP A 63 -9.53 -34.05 1.52
C ASP A 63 -8.97 -34.57 2.86
N ASP A 64 -7.85 -35.29 2.80
CA ASP A 64 -7.20 -35.84 3.98
C ASP A 64 -6.06 -34.92 4.50
N VAL A 65 -5.49 -35.25 5.64
CA VAL A 65 -4.42 -34.45 6.21
C VAL A 65 -3.10 -34.94 5.63
N HIS A 66 -2.38 -34.04 4.95
CA HIS A 66 -1.09 -34.39 4.35
C HIS A 66 0.03 -33.57 4.96
N LEU A 67 1.21 -34.16 5.06
CA LEU A 67 2.36 -33.49 5.64
C LEU A 67 2.54 -32.10 5.04
N SER A 68 2.23 -31.96 3.75
CA SER A 68 2.35 -30.69 3.04
C SER A 68 1.51 -29.59 3.68
N ASN A 69 0.46 -30.00 4.39
CA ASN A 69 -0.48 -29.08 5.04
C ASN A 69 -0.03 -28.45 6.34
N LEU A 70 0.55 -29.27 7.20
CA LEU A 70 0.98 -28.81 8.50
C LEU A 70 1.69 -27.46 8.60
N GLN A 71 2.18 -26.91 7.51
CA GLN A 71 2.88 -25.64 7.63
C GLN A 71 1.96 -24.42 7.73
N ARG A 72 0.69 -24.58 7.41
CA ARG A 72 -0.24 -23.46 7.47
C ARG A 72 -1.62 -23.83 8.01
N GLN A 73 -1.95 -25.12 7.93
CA GLN A 73 -3.22 -25.63 8.41
C GLN A 73 -2.94 -26.03 9.86
N ILE A 74 -2.88 -25.01 10.71
CA ILE A 74 -2.58 -25.12 12.13
C ILE A 74 -3.48 -26.01 13.00
N LEU A 75 -4.70 -26.26 12.55
CA LEU A 75 -5.61 -27.10 13.33
C LEU A 75 -5.07 -28.52 13.48
N PHE A 76 -4.51 -29.06 12.40
CA PHE A 76 -3.96 -30.41 12.36
C PHE A 76 -2.61 -30.65 13.03
N THR A 77 -2.29 -31.94 13.20
CA THR A 77 -1.07 -32.38 13.84
C THR A 77 -0.50 -33.48 12.93
N THR A 78 0.80 -33.78 13.03
CA THR A 78 1.38 -34.80 12.16
C THR A 78 0.66 -36.15 12.32
N GLU A 79 0.27 -36.46 13.56
CA GLU A 79 -0.43 -37.70 13.88
C GLU A 79 -1.76 -37.85 13.13
N ASP A 80 -2.28 -36.74 12.60
CA ASP A 80 -3.55 -36.76 11.88
C ASP A 80 -3.39 -37.06 10.40
N ILE A 81 -2.18 -37.30 9.96
CA ILE A 81 -1.95 -37.53 8.55
C ILE A 81 -2.79 -38.67 7.96
N ASP A 82 -3.30 -38.43 6.76
CA ASP A 82 -4.13 -39.40 6.05
C ASP A 82 -5.52 -39.61 6.59
N ARG A 83 -5.85 -38.84 7.62
CA ARG A 83 -7.17 -38.89 8.25
C ARG A 83 -7.97 -37.75 7.61
N PRO A 84 -9.27 -37.97 7.31
CA PRO A 84 -10.08 -36.91 6.69
C PRO A 84 -10.17 -35.61 7.52
N LYS A 85 -9.93 -34.50 6.84
CA LYS A 85 -9.93 -33.18 7.46
C LYS A 85 -11.17 -32.86 8.27
N SER A 86 -12.34 -32.92 7.62
CA SER A 86 -13.59 -32.60 8.30
C SER A 86 -13.70 -33.30 9.65
N GLN A 87 -13.42 -34.60 9.69
CA GLN A 87 -13.48 -35.32 10.96
C GLN A 87 -12.49 -34.69 11.91
N VAL A 88 -11.22 -34.99 11.71
CA VAL A 88 -10.14 -34.46 12.53
C VAL A 88 -10.45 -33.04 13.02
N SER A 89 -11.02 -32.22 12.14
CA SER A 89 -11.36 -30.85 12.48
C SER A 89 -12.42 -30.78 13.57
N GLN A 90 -13.63 -31.26 13.25
CA GLN A 90 -14.75 -31.27 14.19
C GLN A 90 -14.26 -31.79 15.53
N GLN A 91 -13.57 -32.91 15.47
CA GLN A 91 -13.03 -33.59 16.62
C GLN A 91 -12.17 -32.69 17.51
N ARG A 92 -11.21 -31.98 16.92
CA ARG A 92 -10.34 -31.10 17.70
C ARG A 92 -11.06 -29.84 18.18
N LEU A 93 -11.99 -29.35 17.36
CA LEU A 93 -12.74 -28.16 17.72
C LEU A 93 -13.63 -28.47 18.93
N THR A 94 -14.11 -29.72 18.97
CA THR A 94 -14.94 -30.19 20.07
C THR A 94 -14.16 -30.09 21.37
N GLN A 95 -12.97 -30.67 21.37
CA GLN A 95 -12.10 -30.61 22.54
C GLN A 95 -11.94 -29.16 23.01
N LEU A 96 -12.19 -28.22 22.09
CA LEU A 96 -12.06 -26.80 22.42
C LEU A 96 -13.38 -26.26 22.99
N ASN A 97 -14.47 -26.45 22.26
CA ASN A 97 -15.76 -25.98 22.75
C ASN A 97 -16.82 -27.07 22.57
N PRO A 98 -17.00 -27.87 23.62
CA PRO A 98 -17.97 -28.98 23.63
C PRO A 98 -19.42 -28.51 23.62
N ASP A 99 -19.65 -27.34 24.22
CA ASP A 99 -20.99 -26.75 24.32
C ASP A 99 -21.55 -26.27 22.99
N ILE A 100 -20.88 -26.63 21.90
CA ILE A 100 -21.32 -26.20 20.56
C ILE A 100 -21.39 -27.38 19.60
N GLN A 101 -22.32 -27.35 18.65
CA GLN A 101 -22.45 -28.44 17.70
C GLN A 101 -21.56 -28.27 16.47
N LEU A 102 -20.93 -29.36 16.06
CA LEU A 102 -20.01 -29.36 14.91
C LEU A 102 -20.33 -30.52 13.99
N THR A 103 -20.71 -30.21 12.76
CA THR A 103 -21.02 -31.24 11.78
C THR A 103 -19.83 -31.39 10.82
N ALA A 104 -19.58 -32.61 10.35
CA ALA A 104 -18.45 -32.83 9.46
C ALA A 104 -18.78 -33.52 8.14
N LEU A 105 -18.95 -32.72 7.09
CA LEU A 105 -19.24 -33.25 5.77
C LEU A 105 -17.96 -33.73 5.08
N GLN A 106 -17.86 -35.04 4.87
CA GLN A 106 -16.69 -35.62 4.21
C GLN A 106 -16.99 -35.73 2.72
N GLN A 107 -17.49 -34.64 2.14
CA GLN A 107 -17.82 -34.60 0.73
C GLN A 107 -17.49 -33.24 0.12
N ARG A 108 -17.92 -33.04 -1.12
CA ARG A 108 -17.74 -31.79 -1.82
C ARG A 108 -19.12 -31.19 -1.94
N LEU A 109 -19.35 -30.07 -1.28
CA LEU A 109 -20.67 -29.45 -1.37
C LEU A 109 -20.96 -28.96 -2.78
N THR A 110 -22.04 -29.46 -3.37
CA THR A 110 -22.43 -29.07 -4.73
C THR A 110 -23.94 -29.19 -4.91
N GLY A 111 -24.41 -28.84 -6.09
CA GLY A 111 -25.84 -28.93 -6.37
C GLY A 111 -26.74 -28.56 -5.21
N GLU A 112 -27.71 -29.40 -4.93
CA GLU A 112 -28.67 -29.18 -3.85
C GLU A 112 -27.99 -29.40 -2.51
N ALA A 113 -27.02 -30.30 -2.48
CA ALA A 113 -26.26 -30.61 -1.26
C ALA A 113 -25.57 -29.34 -0.74
N LEU A 114 -25.14 -28.49 -1.66
CA LEU A 114 -24.48 -27.25 -1.32
C LEU A 114 -25.55 -26.20 -1.05
N LYS A 115 -26.60 -26.20 -1.88
CA LYS A 115 -27.69 -25.26 -1.74
C LYS A 115 -28.32 -25.17 -0.36
N ASP A 116 -29.14 -26.15 0.01
CA ASP A 116 -29.78 -26.12 1.32
C ASP A 116 -28.75 -25.90 2.43
N ALA A 117 -27.57 -26.48 2.27
CA ALA A 117 -26.50 -26.30 3.26
C ALA A 117 -26.25 -24.80 3.42
N VAL A 118 -26.13 -24.10 2.29
CA VAL A 118 -25.91 -22.66 2.29
C VAL A 118 -27.13 -22.01 2.94
N ALA A 119 -28.29 -22.27 2.34
CA ALA A 119 -29.57 -21.74 2.81
C ALA A 119 -29.58 -21.42 4.29
N ARG A 120 -29.61 -22.48 5.09
CA ARG A 120 -29.63 -22.37 6.54
C ARG A 120 -28.66 -21.32 7.02
N ALA A 121 -27.38 -21.70 7.03
CA ALA A 121 -26.29 -20.84 7.47
C ALA A 121 -26.66 -19.37 7.45
N ASP A 122 -26.36 -18.68 8.54
CA ASP A 122 -26.64 -17.25 8.67
C ASP A 122 -25.55 -16.48 7.93
N VAL A 123 -24.42 -17.17 7.72
CA VAL A 123 -23.23 -16.64 7.06
C VAL A 123 -22.42 -17.81 6.54
N VAL A 124 -21.84 -17.66 5.34
CA VAL A 124 -21.04 -18.71 4.74
C VAL A 124 -19.63 -18.26 4.42
N LEU A 125 -18.63 -18.90 5.02
CA LEU A 125 -17.26 -18.56 4.71
C LEU A 125 -16.77 -19.46 3.58
N ASP A 126 -16.16 -18.85 2.57
CA ASP A 126 -15.60 -19.63 1.47
C ASP A 126 -14.13 -19.70 1.86
N CYS A 127 -13.63 -20.92 2.02
CA CYS A 127 -12.26 -21.14 2.39
C CYS A 127 -11.62 -22.17 1.48
N THR A 128 -12.15 -22.24 0.26
CA THR A 128 -11.64 -23.13 -0.76
C THR A 128 -10.85 -22.22 -1.68
N ASP A 129 -9.57 -22.48 -1.86
CA ASP A 129 -8.79 -21.63 -2.74
C ASP A 129 -9.09 -22.07 -4.17
N ASN A 130 -10.38 -22.23 -4.47
CA ASN A 130 -10.83 -22.67 -5.80
C ASN A 130 -11.83 -21.70 -6.43
N MET A 131 -11.52 -21.22 -7.62
CA MET A 131 -12.36 -20.27 -8.33
C MET A 131 -13.74 -20.82 -8.72
N ALA A 132 -13.78 -22.08 -9.17
CA ALA A 132 -15.04 -22.70 -9.57
C ALA A 132 -15.98 -22.80 -8.38
N THR A 133 -15.53 -23.54 -7.36
CA THR A 133 -16.29 -23.72 -6.14
C THR A 133 -16.78 -22.35 -5.71
N ARG A 134 -15.83 -21.44 -5.50
CA ARG A 134 -16.15 -20.09 -5.08
C ARG A 134 -17.27 -19.52 -5.91
N GLN A 135 -17.28 -19.83 -7.20
CA GLN A 135 -18.32 -19.30 -8.05
C GLN A 135 -19.70 -19.80 -7.67
N GLU A 136 -19.90 -21.11 -7.58
CA GLU A 136 -21.24 -21.61 -7.22
C GLU A 136 -21.59 -21.30 -5.78
N ILE A 137 -20.59 -21.24 -4.92
CA ILE A 137 -20.83 -20.91 -3.52
C ILE A 137 -21.45 -19.52 -3.56
N ASN A 138 -20.93 -18.70 -4.46
CA ASN A 138 -21.42 -17.34 -4.63
C ASN A 138 -22.85 -17.41 -5.18
N ALA A 139 -23.01 -18.15 -6.28
CA ALA A 139 -24.31 -18.30 -6.91
C ALA A 139 -25.32 -18.75 -5.84
N ALA A 140 -25.04 -19.87 -5.20
CA ALA A 140 -25.88 -20.41 -4.15
C ALA A 140 -26.18 -19.34 -3.11
N CYS A 141 -25.13 -18.70 -2.60
CA CYS A 141 -25.29 -17.65 -1.60
C CYS A 141 -26.25 -16.55 -2.08
N VAL A 142 -26.08 -16.11 -3.32
CA VAL A 142 -26.91 -15.05 -3.86
C VAL A 142 -28.36 -15.49 -3.93
N ALA A 143 -28.56 -16.69 -4.47
CA ALA A 143 -29.88 -17.29 -4.64
C ALA A 143 -30.70 -17.43 -3.36
N LEU A 144 -30.09 -18.04 -2.33
CA LEU A 144 -30.75 -18.25 -1.05
C LEU A 144 -30.37 -17.12 -0.09
N ASN A 145 -30.25 -15.93 -0.66
CA ASN A 145 -29.90 -14.72 0.05
C ASN A 145 -29.23 -14.90 1.41
N THR A 146 -28.05 -15.51 1.39
CA THR A 146 -27.23 -15.74 2.58
C THR A 146 -25.84 -15.19 2.26
N PRO A 147 -25.31 -14.32 3.14
CA PRO A 147 -23.99 -13.71 2.99
C PRO A 147 -22.87 -14.66 2.67
N LEU A 148 -21.85 -14.13 2.00
CA LEU A 148 -20.68 -14.92 1.63
C LEU A 148 -19.45 -14.08 1.98
N ILE A 149 -18.56 -14.67 2.78
CA ILE A 149 -17.32 -14.01 3.16
C ILE A 149 -16.20 -14.86 2.57
N THR A 150 -15.72 -14.43 1.40
CA THR A 150 -14.66 -15.14 0.69
C THR A 150 -13.31 -14.44 0.77
N ALA A 151 -12.27 -15.26 0.82
CA ALA A 151 -10.89 -14.79 0.89
C ALA A 151 -10.01 -15.80 0.16
N SER A 152 -8.72 -15.47 0.05
CA SER A 152 -7.73 -16.32 -0.62
C SER A 152 -6.32 -15.79 -0.38
N ALA A 153 -5.33 -16.60 -0.73
CA ALA A 153 -3.94 -16.22 -0.53
C ALA A 153 -3.01 -17.03 -1.43
N VAL A 154 -1.97 -16.35 -1.93
CA VAL A 154 -0.94 -16.98 -2.77
C VAL A 154 0.38 -16.33 -2.40
N GLY A 155 1.36 -17.13 -2.04
CA GLY A 155 2.65 -16.55 -1.68
C GLY A 155 2.55 -15.62 -0.48
N PHE A 156 2.75 -14.32 -0.70
CA PHE A 156 2.70 -13.32 0.36
C PHE A 156 1.48 -12.42 0.18
N GLY A 157 0.55 -12.86 -0.65
CA GLY A 157 -0.60 -11.99 -0.89
C GLY A 157 -1.93 -12.51 -0.44
N GLY A 158 -2.72 -11.62 0.14
CA GLY A 158 -4.02 -12.01 0.62
C GLY A 158 -5.13 -11.16 0.07
N GLN A 159 -6.30 -11.78 -0.07
CA GLN A 159 -7.45 -11.11 -0.62
C GLN A 159 -8.69 -11.55 0.18
N LEU A 160 -9.47 -10.58 0.67
CA LEU A 160 -10.68 -10.85 1.45
C LEU A 160 -11.86 -10.02 0.94
N MET A 161 -13.07 -10.53 1.12
CA MET A 161 -14.25 -9.85 0.62
C MET A 161 -15.52 -10.29 1.36
N VAL A 162 -16.34 -9.34 1.81
CA VAL A 162 -17.57 -9.65 2.51
C VAL A 162 -18.75 -9.26 1.62
N LEU A 163 -19.65 -10.21 1.36
CA LEU A 163 -20.80 -9.91 0.52
C LEU A 163 -22.13 -10.13 1.24
N THR A 164 -22.81 -9.04 1.58
CA THR A 164 -24.09 -9.12 2.27
C THR A 164 -25.29 -9.30 1.32
N PRO A 165 -26.34 -10.04 1.77
CA PRO A 165 -27.56 -10.35 1.02
C PRO A 165 -28.15 -9.21 0.20
N PRO A 166 -28.27 -8.00 0.78
CA PRO A 166 -28.84 -6.91 -0.02
C PRO A 166 -28.23 -6.83 -1.43
N TRP A 167 -27.03 -7.41 -1.56
CA TRP A 167 -26.27 -7.48 -2.82
C TRP A 167 -25.97 -6.12 -3.44
N GLU A 168 -25.93 -5.10 -2.60
CA GLU A 168 -25.66 -3.73 -3.04
C GLU A 168 -24.54 -3.64 -4.08
N GLN A 169 -23.30 -3.88 -3.65
CA GLN A 169 -22.17 -3.81 -4.57
C GLN A 169 -21.94 -5.09 -5.38
N GLY A 170 -23.04 -5.80 -5.64
CA GLY A 170 -22.95 -7.02 -6.45
C GLY A 170 -22.39 -8.25 -5.78
N CYS A 171 -22.15 -9.28 -6.58
CA CYS A 171 -21.60 -10.53 -6.08
C CYS A 171 -20.18 -10.76 -6.59
N TYR A 172 -19.61 -11.92 -6.25
CA TYR A 172 -18.27 -12.23 -6.70
C TYR A 172 -18.29 -12.38 -8.21
N ARG A 173 -19.45 -12.78 -8.74
CA ARG A 173 -19.60 -12.95 -10.17
C ARG A 173 -19.82 -11.57 -10.83
N CYS A 174 -19.44 -10.51 -10.12
CA CYS A 174 -19.55 -9.15 -10.62
C CYS A 174 -18.12 -8.69 -10.87
N LEU A 175 -17.28 -8.90 -9.85
CA LEU A 175 -15.87 -8.53 -9.92
C LEU A 175 -15.14 -9.55 -10.77
N TRP A 176 -15.84 -10.62 -11.12
CA TRP A 176 -15.23 -11.66 -11.91
C TRP A 176 -16.33 -12.46 -12.59
N PRO A 177 -17.13 -11.80 -13.43
CA PRO A 177 -18.23 -12.47 -14.16
C PRO A 177 -17.72 -13.71 -14.89
N ASP A 178 -16.39 -13.83 -14.95
CA ASP A 178 -15.73 -14.95 -15.60
C ASP A 178 -15.95 -16.23 -14.82
N ASN A 179 -14.94 -17.09 -14.75
CA ASN A 179 -15.09 -18.35 -14.01
C ASN A 179 -13.84 -19.20 -14.05
N GLN A 180 -12.90 -18.84 -14.92
CA GLN A 180 -11.67 -19.60 -15.07
C GLN A 180 -10.70 -19.38 -13.90
N GLU A 181 -9.68 -18.57 -14.14
CA GLU A 181 -8.66 -18.28 -13.14
C GLU A 181 -8.06 -16.89 -13.35
N PRO A 182 -7.33 -16.37 -12.34
CA PRO A 182 -6.70 -15.05 -12.43
C PRO A 182 -5.28 -15.27 -12.99
N GLU A 183 -4.55 -14.19 -13.23
CA GLU A 183 -3.19 -14.30 -13.75
C GLU A 183 -2.13 -14.38 -12.65
N ARG A 184 -2.56 -14.77 -11.46
CA ARG A 184 -1.65 -14.94 -10.32
C ARG A 184 -1.31 -16.42 -10.34
N ASN A 185 -1.70 -17.07 -11.43
CA ASN A 185 -1.49 -18.50 -11.66
C ASN A 185 -0.02 -18.88 -11.71
N CYS A 186 0.85 -17.88 -11.71
CA CYS A 186 2.28 -18.14 -11.78
C CYS A 186 2.86 -18.59 -10.43
N ARG A 187 2.94 -17.67 -9.47
CA ARG A 187 3.48 -17.97 -8.14
C ARG A 187 2.59 -18.90 -7.32
N THR A 188 1.52 -19.42 -7.92
CA THR A 188 0.60 -20.33 -7.23
C THR A 188 1.37 -21.51 -6.63
N ALA A 189 2.69 -21.38 -6.66
CA ALA A 189 3.58 -22.39 -6.12
C ALA A 189 3.27 -22.57 -4.62
N GLY A 190 3.93 -21.74 -3.81
CA GLY A 190 3.73 -21.85 -2.39
C GLY A 190 2.92 -20.74 -1.75
N VAL A 191 3.02 -20.68 -0.42
CA VAL A 191 2.29 -19.69 0.34
C VAL A 191 2.84 -19.59 1.76
N VAL A 192 2.91 -18.36 2.27
CA VAL A 192 3.40 -18.13 3.62
C VAL A 192 2.25 -18.41 4.59
N GLY A 193 2.51 -19.19 5.63
CA GLY A 193 1.46 -19.51 6.59
C GLY A 193 0.75 -18.28 7.14
N PRO A 194 1.49 -17.43 7.85
CA PRO A 194 0.88 -16.23 8.42
C PRO A 194 0.00 -15.48 7.42
N VAL A 195 0.38 -15.48 6.15
CA VAL A 195 -0.44 -14.75 5.21
C VAL A 195 -1.80 -15.40 5.03
N VAL A 196 -1.82 -16.66 4.62
CA VAL A 196 -3.10 -17.29 4.42
C VAL A 196 -3.82 -17.28 5.77
N GLY A 197 -3.04 -17.42 6.84
CA GLY A 197 -3.59 -17.44 8.18
C GLY A 197 -4.37 -16.18 8.51
N VAL A 198 -3.69 -15.04 8.50
CA VAL A 198 -4.34 -13.77 8.79
C VAL A 198 -5.63 -13.62 7.95
N MET A 199 -5.59 -14.12 6.71
CA MET A 199 -6.76 -14.00 5.87
C MET A 199 -7.98 -14.73 6.42
N GLY A 200 -7.79 -15.99 6.81
CA GLY A 200 -8.88 -16.78 7.35
C GLY A 200 -9.34 -16.23 8.69
N THR A 201 -8.38 -15.93 9.55
CA THR A 201 -8.69 -15.39 10.85
C THR A 201 -9.60 -14.20 10.65
N LEU A 202 -9.30 -13.36 9.67
CA LEU A 202 -10.14 -12.20 9.40
C LEU A 202 -11.50 -12.62 8.86
N GLN A 203 -11.57 -13.71 8.13
CA GLN A 203 -12.88 -14.15 7.64
C GLN A 203 -13.80 -14.43 8.83
N ALA A 204 -13.21 -14.86 9.95
CA ALA A 204 -13.98 -15.18 11.15
C ALA A 204 -14.39 -13.92 11.88
N LEU A 205 -13.48 -12.96 11.97
CA LEU A 205 -13.81 -11.69 12.63
C LEU A 205 -15.01 -11.07 11.91
N GLU A 206 -15.04 -11.23 10.60
CA GLU A 206 -16.12 -10.68 9.80
C GLU A 206 -17.40 -11.44 10.05
N ALA A 207 -17.30 -12.75 10.24
CA ALA A 207 -18.48 -13.56 10.51
C ALA A 207 -19.06 -13.17 11.88
N ILE A 208 -18.21 -13.05 12.89
CA ILE A 208 -18.69 -12.65 14.22
C ILE A 208 -19.44 -11.34 14.12
N LYS A 209 -18.76 -10.31 13.65
CA LYS A 209 -19.36 -8.98 13.51
C LYS A 209 -20.68 -9.00 12.72
N LEU A 210 -20.76 -9.86 11.72
CA LEU A 210 -21.97 -9.94 10.92
C LEU A 210 -23.08 -10.55 11.79
N LEU A 211 -22.83 -11.73 12.35
CA LEU A 211 -23.79 -12.41 13.21
C LEU A 211 -24.17 -11.60 14.44
N SER A 212 -23.20 -10.96 15.10
CA SER A 212 -23.52 -10.17 16.28
C SER A 212 -24.00 -8.77 15.90
N GLY A 213 -24.49 -8.65 14.66
CA GLY A 213 -24.98 -7.39 14.13
C GLY A 213 -24.16 -6.14 14.42
N ILE A 214 -22.89 -6.12 14.00
CA ILE A 214 -22.04 -4.96 14.21
C ILE A 214 -21.81 -4.20 12.91
N GLU A 215 -21.56 -2.89 13.03
CA GLU A 215 -21.33 -2.06 11.86
C GLU A 215 -20.02 -2.34 11.16
N THR A 216 -19.97 -3.45 10.43
CA THR A 216 -18.76 -3.83 9.71
C THR A 216 -18.93 -3.45 8.25
N PRO A 217 -18.00 -2.66 7.71
CA PRO A 217 -18.06 -2.25 6.31
C PRO A 217 -17.92 -3.46 5.39
N ALA A 218 -18.67 -3.47 4.29
CA ALA A 218 -18.62 -4.56 3.33
C ALA A 218 -18.64 -4.01 1.92
N GLY A 219 -18.52 -4.90 0.94
CA GLY A 219 -18.53 -4.49 -0.45
C GLY A 219 -17.16 -4.06 -0.93
N GLU A 220 -16.14 -4.18 -0.08
CA GLU A 220 -14.77 -3.81 -0.42
C GLU A 220 -14.07 -5.07 -0.88
N LEU A 221 -12.79 -4.94 -1.21
CA LEU A 221 -11.95 -6.06 -1.61
C LEU A 221 -10.65 -5.69 -0.93
N ARG A 222 -10.44 -6.24 0.26
CA ARG A 222 -9.21 -5.90 0.97
C ARG A 222 -8.05 -6.72 0.43
N LEU A 223 -6.91 -6.06 0.29
CA LEU A 223 -5.73 -6.72 -0.23
C LEU A 223 -4.59 -6.61 0.73
N PHE A 224 -3.92 -7.73 0.98
CA PHE A 224 -2.80 -7.71 1.89
C PHE A 224 -1.50 -8.09 1.22
N ASP A 225 -0.46 -7.30 1.47
CA ASP A 225 0.83 -7.59 0.91
C ASP A 225 1.75 -8.03 2.05
N GLY A 226 1.80 -9.33 2.29
CA GLY A 226 2.63 -9.84 3.36
C GLY A 226 4.07 -9.36 3.25
N LYS A 227 4.55 -9.13 2.03
CA LYS A 227 5.94 -8.69 1.84
C LYS A 227 6.16 -7.27 2.35
N SER A 228 5.36 -6.33 1.88
CA SER A 228 5.50 -4.96 2.33
C SER A 228 4.72 -4.70 3.61
N SER A 229 3.93 -5.68 4.04
CA SER A 229 3.10 -5.54 5.24
C SER A 229 2.20 -4.32 5.11
N GLN A 230 1.60 -4.19 3.93
CA GLN A 230 0.70 -3.08 3.66
C GLN A 230 -0.69 -3.52 3.28
N TRP A 231 -1.68 -2.79 3.79
CA TRP A 231 -3.06 -3.11 3.49
C TRP A 231 -3.64 -2.15 2.45
N ARG A 232 -4.61 -2.63 1.68
CA ARG A 232 -5.18 -1.84 0.59
C ARG A 232 -6.64 -2.23 0.27
N SER A 233 -7.49 -1.26 -0.06
CA SER A 233 -8.89 -1.56 -0.36
C SER A 233 -9.45 -1.02 -1.68
N LEU A 234 -10.07 -1.92 -2.44
CA LEU A 234 -10.68 -1.56 -3.72
C LEU A 234 -12.19 -1.58 -3.60
N ALA A 235 -12.82 -0.49 -3.99
CA ALA A 235 -14.29 -0.37 -3.96
C ALA A 235 -14.92 -1.34 -4.96
N LEU A 236 -16.21 -1.61 -4.81
CA LEU A 236 -16.91 -2.50 -5.73
C LEU A 236 -18.24 -1.93 -6.17
N ARG A 237 -18.76 -2.49 -7.26
CA ARG A 237 -20.04 -2.09 -7.80
C ARG A 237 -20.40 -3.13 -8.86
N ARG A 238 -21.64 -3.64 -8.78
CA ARG A 238 -22.13 -4.69 -9.67
C ARG A 238 -22.21 -4.43 -11.17
N ALA A 239 -22.21 -5.51 -11.92
CA ALA A 239 -22.29 -5.48 -13.38
C ALA A 239 -23.68 -5.07 -13.82
N SER A 240 -23.75 -4.14 -14.77
CA SER A 240 -25.01 -3.65 -15.30
C SER A 240 -25.72 -4.80 -16.01
N GLY A 241 -25.97 -5.87 -15.27
CA GLY A 241 -26.62 -7.04 -15.82
C GLY A 241 -25.70 -8.25 -15.72
N CYS A 242 -25.56 -8.77 -14.50
CA CYS A 242 -24.73 -9.93 -14.22
C CYS A 242 -25.55 -11.21 -14.28
N PRO A 243 -24.94 -12.33 -14.70
CA PRO A 243 -25.66 -13.61 -14.79
C PRO A 243 -26.28 -13.95 -13.44
N VAL A 244 -26.02 -13.11 -12.45
CA VAL A 244 -26.52 -13.24 -11.09
C VAL A 244 -26.59 -11.83 -10.53
N CYS A 245 -27.30 -11.62 -9.43
CA CYS A 245 -27.38 -10.29 -8.84
C CYS A 245 -28.13 -9.31 -9.75
N GLY A 246 -28.51 -9.80 -10.93
CA GLY A 246 -29.23 -8.97 -11.89
C GLY A 246 -30.52 -8.38 -11.36
N MET B 3 18.65 -32.29 4.20
CA MET B 3 17.16 -32.12 4.14
C MET B 3 16.49 -33.23 3.32
N ASN B 4 16.00 -34.25 4.02
CA ASN B 4 15.36 -35.43 3.44
C ASN B 4 14.00 -35.27 2.75
N ASP B 5 13.45 -36.40 2.28
CA ASP B 5 12.16 -36.45 1.60
C ASP B 5 11.04 -35.85 2.45
N ARG B 6 11.00 -36.27 3.72
CA ARG B 6 9.99 -35.79 4.67
C ARG B 6 10.06 -34.26 4.78
N ASP B 7 11.24 -33.76 5.14
CA ASP B 7 11.43 -32.33 5.29
C ASP B 7 11.06 -31.58 4.02
N PHE B 8 11.56 -32.01 2.87
CA PHE B 8 11.20 -31.34 1.63
C PHE B 8 9.69 -31.26 1.52
N MET B 9 9.01 -32.33 1.90
CA MET B 9 7.56 -32.34 1.80
C MET B 9 6.83 -31.34 2.70
N ARG B 10 7.17 -31.30 3.99
CA ARG B 10 6.45 -30.38 4.85
C ARG B 10 6.71 -28.93 4.48
N TYR B 11 7.98 -28.56 4.31
CA TYR B 11 8.31 -27.17 3.97
C TYR B 11 8.13 -26.83 2.49
N SER B 12 7.63 -27.78 1.72
CA SER B 12 7.46 -27.58 0.29
C SER B 12 6.71 -26.34 -0.17
N ARG B 13 5.71 -25.88 0.59
CA ARG B 13 4.97 -24.69 0.15
C ARG B 13 5.72 -23.41 0.46
N GLN B 14 6.77 -23.55 1.26
CA GLN B 14 7.61 -22.42 1.62
C GLN B 14 8.84 -22.42 0.70
N ILE B 15 9.33 -23.62 0.42
CA ILE B 15 10.50 -23.77 -0.44
C ILE B 15 10.18 -23.35 -1.87
N LEU B 16 9.03 -23.75 -2.37
CA LEU B 16 8.67 -23.37 -3.73
C LEU B 16 8.42 -21.87 -3.85
N LEU B 17 8.78 -21.13 -2.81
CA LEU B 17 8.59 -19.67 -2.83
C LEU B 17 9.88 -18.95 -3.13
N ASP B 18 9.89 -18.16 -4.20
CA ASP B 18 11.09 -17.43 -4.60
C ASP B 18 11.71 -16.67 -3.46
N ASP B 19 10.89 -16.00 -2.66
CA ASP B 19 11.38 -15.22 -1.53
C ASP B 19 11.91 -16.03 -0.34
N ILE B 20 11.94 -17.35 -0.45
CA ILE B 20 12.44 -18.16 0.65
C ILE B 20 13.32 -19.31 0.15
N ALA B 21 12.75 -20.18 -0.67
CA ALA B 21 13.45 -21.35 -1.21
C ALA B 21 14.25 -22.10 -0.15
N LEU B 22 15.19 -22.93 -0.60
CA LEU B 22 16.02 -23.71 0.30
C LEU B 22 16.94 -22.77 1.11
N ASP B 23 17.28 -21.64 0.50
CA ASP B 23 18.14 -20.67 1.15
C ASP B 23 17.50 -20.22 2.45
N GLY B 24 16.22 -19.81 2.36
CA GLY B 24 15.50 -19.34 3.53
C GLY B 24 15.02 -20.44 4.46
N GLN B 25 14.52 -21.52 3.88
CA GLN B 25 14.04 -22.62 4.69
C GLN B 25 15.18 -23.07 5.57
N GLN B 26 16.37 -23.07 4.99
CA GLN B 26 17.56 -23.45 5.73
C GLN B 26 17.82 -22.44 6.82
N LYS B 27 17.67 -21.17 6.49
CA LYS B 27 17.88 -20.10 7.47
C LYS B 27 16.90 -20.26 8.64
N LEU B 28 15.63 -20.50 8.33
CA LEU B 28 14.62 -20.65 9.39
C LEU B 28 15.05 -21.78 10.32
N LEU B 29 15.40 -22.92 9.73
CA LEU B 29 15.82 -24.10 10.47
C LEU B 29 17.04 -23.89 11.34
N ASP B 30 17.78 -22.80 11.13
CA ASP B 30 18.97 -22.51 11.93
C ASP B 30 18.70 -21.38 12.90
N SER B 31 17.44 -20.95 12.98
CA SER B 31 17.07 -19.85 13.86
C SER B 31 16.43 -20.29 15.18
N GLN B 32 16.48 -19.38 16.15
CA GLN B 32 15.88 -19.61 17.45
C GLN B 32 15.03 -18.37 17.75
N VAL B 33 13.76 -18.59 18.12
CA VAL B 33 12.86 -17.49 18.44
C VAL B 33 12.32 -17.66 19.85
N LEU B 34 12.36 -16.57 20.62
CA LEU B 34 11.85 -16.58 21.99
C LEU B 34 10.44 -16.00 22.01
N ILE B 35 9.47 -16.82 22.34
CA ILE B 35 8.11 -16.34 22.43
C ILE B 35 7.79 -16.21 23.91
N ILE B 36 7.81 -14.98 24.41
CA ILE B 36 7.52 -14.69 25.81
C ILE B 36 6.02 -14.42 25.95
N GLY B 37 5.32 -15.37 26.56
CA GLY B 37 3.88 -15.24 26.72
C GLY B 37 3.17 -16.12 25.71
N LEU B 38 2.34 -17.04 26.17
CA LEU B 38 1.63 -17.93 25.25
C LEU B 38 0.12 -17.76 25.35
N GLY B 39 -0.35 -16.53 25.10
CA GLY B 39 -1.76 -16.25 25.18
C GLY B 39 -2.49 -16.11 23.85
N GLY B 40 -3.30 -15.06 23.71
CA GLY B 40 -4.03 -14.85 22.47
C GLY B 40 -3.07 -14.52 21.35
N LEU B 41 -2.00 -13.82 21.71
CA LEU B 41 -0.94 -13.44 20.77
C LEU B 41 0.03 -14.60 20.53
N GLY B 42 0.77 -14.98 21.57
CA GLY B 42 1.75 -16.04 21.47
C GLY B 42 1.24 -17.38 20.97
N THR B 43 0.01 -17.73 21.29
CA THR B 43 -0.50 -19.03 20.86
C THR B 43 -0.49 -19.26 19.35
N PRO B 44 -1.03 -18.31 18.57
CA PRO B 44 -1.01 -18.53 17.12
C PRO B 44 0.41 -18.30 16.57
N ALA B 45 1.15 -17.41 17.19
CA ALA B 45 2.50 -17.12 16.74
C ALA B 45 3.36 -18.38 16.76
N ALA B 46 3.38 -19.06 17.90
CA ALA B 46 4.16 -20.28 18.05
C ALA B 46 3.69 -21.31 17.04
N LEU B 47 2.38 -21.38 16.85
CA LEU B 47 1.82 -22.35 15.94
C LEU B 47 2.30 -22.09 14.51
N TYR B 48 2.26 -20.85 14.05
CA TYR B 48 2.68 -20.55 12.68
C TYR B 48 4.19 -20.69 12.48
N LEU B 49 4.98 -20.35 13.49
CA LEU B 49 6.42 -20.45 13.38
C LEU B 49 6.87 -21.92 13.32
N ALA B 50 6.24 -22.76 14.14
CA ALA B 50 6.58 -24.17 14.18
C ALA B 50 6.27 -24.79 12.83
N GLY B 51 5.04 -24.67 12.38
CA GLY B 51 4.68 -25.25 11.10
C GLY B 51 5.59 -24.72 10.00
N ALA B 52 6.14 -23.53 10.21
CA ALA B 52 7.04 -22.88 9.25
C ALA B 52 8.39 -23.56 9.28
N GLY B 53 8.74 -24.06 10.46
CA GLY B 53 10.01 -24.75 10.60
C GLY B 53 11.11 -23.88 11.16
N VAL B 54 10.81 -23.08 12.18
CA VAL B 54 11.88 -22.28 12.75
C VAL B 54 12.62 -23.31 13.57
N GLY B 55 13.94 -23.41 13.36
CA GLY B 55 14.75 -24.38 14.07
C GLY B 55 14.55 -24.62 15.56
N THR B 56 14.57 -23.54 16.33
CA THR B 56 14.41 -23.66 17.78
C THR B 56 13.43 -22.63 18.29
N LEU B 57 12.50 -23.09 19.14
CA LEU B 57 11.50 -22.22 19.73
C LEU B 57 11.54 -22.33 21.25
N VAL B 58 11.65 -21.18 21.91
CA VAL B 58 11.66 -21.12 23.36
C VAL B 58 10.30 -20.55 23.80
N LEU B 59 9.47 -21.42 24.38
CA LEU B 59 8.15 -21.04 24.82
C LEU B 59 8.19 -20.61 26.29
N ALA B 60 8.14 -19.32 26.55
CA ALA B 60 8.16 -18.80 27.92
C ALA B 60 6.75 -18.45 28.37
N ASP B 61 6.39 -18.85 29.58
CA ASP B 61 5.06 -18.55 30.12
C ASP B 61 4.82 -19.19 31.48
N ASP B 62 4.79 -18.35 32.51
CA ASP B 62 4.57 -18.80 33.87
C ASP B 62 3.09 -18.74 34.21
N ASP B 63 2.31 -19.68 33.70
CA ASP B 63 0.87 -19.71 33.97
C ASP B 63 0.17 -20.95 33.41
N ASP B 64 -1.02 -21.24 33.94
CA ASP B 64 -1.79 -22.41 33.54
C ASP B 64 -3.02 -22.04 32.74
N VAL B 65 -3.53 -23.00 31.97
CA VAL B 65 -4.71 -22.80 31.15
C VAL B 65 -5.91 -22.53 32.03
N HIS B 66 -6.89 -21.81 31.50
CA HIS B 66 -8.12 -21.50 32.24
C HIS B 66 -9.27 -21.48 31.24
N LEU B 67 -10.49 -21.76 31.70
CA LEU B 67 -11.62 -21.76 30.79
C LEU B 67 -11.71 -20.43 30.05
N SER B 68 -11.51 -19.32 30.77
CA SER B 68 -11.56 -18.00 30.17
C SER B 68 -10.78 -18.01 28.87
N ASN B 69 -9.53 -18.48 28.95
CA ASN B 69 -8.60 -18.54 27.81
C ASN B 69 -9.11 -19.09 26.47
N LEU B 70 -9.64 -20.31 26.49
CA LEU B 70 -10.12 -20.95 25.27
C LEU B 70 -10.77 -20.11 24.16
N GLN B 71 -11.14 -18.88 24.47
CA GLN B 71 -11.78 -18.06 23.46
C GLN B 71 -10.84 -17.39 22.46
N ARG B 72 -9.62 -17.09 22.89
CA ARG B 72 -8.65 -16.46 22.00
C ARG B 72 -7.38 -17.29 21.84
N GLN B 73 -7.08 -18.11 22.85
CA GLN B 73 -5.88 -18.95 22.83
C GLN B 73 -6.19 -20.31 22.19
N ILE B 74 -6.16 -20.33 20.85
CA ILE B 74 -6.46 -21.49 20.02
C ILE B 74 -5.57 -22.73 20.12
N LEU B 75 -4.42 -22.61 20.77
CA LEU B 75 -3.52 -23.75 20.90
C LEU B 75 -3.91 -24.73 22.02
N PHE B 76 -4.89 -24.37 22.85
CA PHE B 76 -5.32 -25.21 23.96
C PHE B 76 -6.76 -25.68 23.83
N THR B 77 -7.11 -26.72 24.58
CA THR B 77 -8.47 -27.26 24.61
C THR B 77 -8.97 -27.27 26.05
N THR B 78 -10.22 -27.64 26.26
CA THR B 78 -10.76 -27.66 27.61
C THR B 78 -10.03 -28.70 28.45
N GLU B 79 -9.55 -29.74 27.78
CA GLU B 79 -8.87 -30.82 28.47
C GLU B 79 -7.49 -30.50 29.06
N ASP B 80 -6.98 -29.29 28.84
CA ASP B 80 -5.68 -28.95 29.42
C ASP B 80 -5.91 -27.90 30.47
N ILE B 81 -7.19 -27.62 30.73
CA ILE B 81 -7.56 -26.57 31.66
C ILE B 81 -6.73 -26.24 32.88
N ASP B 82 -6.13 -27.22 33.55
CA ASP B 82 -5.32 -26.81 34.71
C ASP B 82 -3.82 -27.04 34.57
N ARG B 83 -3.42 -27.59 33.42
CA ARG B 83 -2.02 -27.89 33.11
C ARG B 83 -1.34 -26.58 32.77
N PRO B 84 -0.02 -26.50 32.96
CA PRO B 84 0.71 -25.26 32.65
C PRO B 84 0.85 -25.07 31.14
N LYS B 85 0.69 -23.84 30.69
CA LYS B 85 0.76 -23.55 29.26
C LYS B 85 2.07 -23.93 28.56
N SER B 86 3.20 -23.42 29.04
CA SER B 86 4.49 -23.73 28.40
C SER B 86 4.63 -25.24 28.17
N GLN B 87 4.13 -26.04 29.11
CA GLN B 87 4.19 -27.48 28.95
C GLN B 87 3.20 -27.92 27.87
N VAL B 88 1.96 -27.49 27.99
CA VAL B 88 0.92 -27.86 27.04
C VAL B 88 1.25 -27.38 25.64
N SER B 89 1.81 -26.17 25.53
CA SER B 89 2.18 -25.63 24.23
C SER B 89 3.23 -26.58 23.67
N GLN B 90 4.35 -26.67 24.39
CA GLN B 90 5.47 -27.52 24.03
C GLN B 90 5.03 -28.89 23.49
N GLN B 91 4.05 -29.49 24.16
CA GLN B 91 3.56 -30.80 23.75
C GLN B 91 2.74 -30.76 22.47
N ARG B 92 1.80 -29.83 22.37
CA ARG B 92 0.95 -29.72 21.20
C ARG B 92 1.77 -29.32 19.97
N LEU B 93 2.73 -28.44 20.16
CA LEU B 93 3.57 -27.99 19.07
C LEU B 93 4.42 -29.14 18.53
N THR B 94 4.89 -30.01 19.43
CA THR B 94 5.68 -31.14 19.00
C THR B 94 4.87 -32.07 18.10
N GLN B 95 3.60 -32.26 18.42
CA GLN B 95 2.76 -33.13 17.61
C GLN B 95 2.65 -32.59 16.17
N LEU B 96 2.90 -31.28 16.02
CA LEU B 96 2.81 -30.61 14.72
C LEU B 96 4.13 -30.67 13.96
N ASN B 97 5.22 -30.55 14.71
CA ASN B 97 6.54 -30.57 14.12
C ASN B 97 7.54 -31.13 15.14
N PRO B 98 7.73 -32.45 15.13
CA PRO B 98 8.65 -33.15 16.03
C PRO B 98 10.09 -32.90 15.61
N ASP B 99 10.24 -32.46 14.38
CA ASP B 99 11.55 -32.20 13.81
C ASP B 99 12.16 -30.85 14.12
N ILE B 100 11.68 -30.18 15.17
CA ILE B 100 12.26 -28.88 15.55
C ILE B 100 12.50 -28.83 17.06
N GLN B 101 13.37 -27.92 17.47
CA GLN B 101 13.69 -27.77 18.88
C GLN B 101 12.63 -26.97 19.62
N LEU B 102 11.94 -27.63 20.55
CA LEU B 102 10.90 -26.97 21.34
C LEU B 102 11.21 -27.01 22.83
N THR B 103 11.64 -25.87 23.36
CA THR B 103 11.97 -25.74 24.77
C THR B 103 10.91 -24.97 25.55
N ALA B 104 10.30 -25.63 26.53
CA ALA B 104 9.29 -25.00 27.36
C ALA B 104 9.95 -24.21 28.49
N LEU B 105 9.21 -23.30 29.11
CA LEU B 105 9.75 -22.52 30.24
C LEU B 105 8.59 -22.14 31.15
N GLN B 106 8.31 -23.02 32.10
CA GLN B 106 7.23 -22.85 33.05
C GLN B 106 7.52 -21.77 34.09
N GLN B 107 8.70 -21.14 34.00
CA GLN B 107 9.09 -20.08 34.94
C GLN B 107 8.73 -18.70 34.38
N ARG B 108 9.16 -17.65 35.07
CA ARG B 108 8.91 -16.28 34.62
C ARG B 108 10.24 -15.56 34.46
N LEU B 109 10.58 -15.20 33.23
CA LEU B 109 11.84 -14.52 32.97
C LEU B 109 11.90 -13.10 33.52
N THR B 110 13.07 -12.73 34.04
CA THR B 110 13.31 -11.40 34.60
C THR B 110 14.81 -11.20 34.68
N GLY B 111 15.25 -9.97 34.91
CA GLY B 111 16.68 -9.69 35.01
C GLY B 111 17.59 -10.60 34.18
N GLU B 112 18.46 -11.34 34.87
CA GLU B 112 19.40 -12.22 34.19
C GLU B 112 18.77 -13.39 33.44
N ALA B 113 17.86 -14.09 34.09
CA ALA B 113 17.18 -15.22 33.47
C ALA B 113 16.65 -14.83 32.08
N LEU B 114 16.26 -13.56 31.96
CA LEU B 114 15.71 -13.01 30.72
C LEU B 114 16.79 -12.68 29.71
N LYS B 115 17.80 -11.94 30.17
CA LYS B 115 18.92 -11.52 29.35
C LYS B 115 19.57 -12.71 28.66
N ASP B 116 19.68 -13.82 29.37
CA ASP B 116 20.27 -15.02 28.79
C ASP B 116 19.41 -15.45 27.60
N ALA B 117 18.12 -15.69 27.87
CA ALA B 117 17.18 -16.12 26.82
C ALA B 117 17.19 -15.18 25.62
N VAL B 118 17.21 -13.87 25.89
CA VAL B 118 17.22 -12.90 24.82
C VAL B 118 18.49 -12.99 24.00
N ALA B 119 19.60 -13.22 24.67
CA ALA B 119 20.88 -13.34 23.99
C ALA B 119 20.81 -14.52 23.03
N ARG B 120 20.57 -15.70 23.59
CA ARG B 120 20.46 -16.90 22.79
C ARG B 120 19.11 -16.89 22.11
N ALA B 121 18.96 -16.04 21.10
CA ALA B 121 17.71 -15.93 20.35
C ALA B 121 17.90 -14.86 19.28
N ASP B 122 17.49 -15.20 18.06
CA ASP B 122 17.60 -14.30 16.91
C ASP B 122 16.55 -13.20 16.98
N VAL B 123 15.30 -13.59 17.23
CA VAL B 123 14.21 -12.65 17.34
C VAL B 123 13.42 -13.03 18.58
N VAL B 124 12.93 -12.00 19.27
CA VAL B 124 12.14 -12.20 20.47
C VAL B 124 10.73 -11.65 20.24
N LEU B 125 9.72 -12.45 20.55
CA LEU B 125 8.34 -12.01 20.40
C LEU B 125 7.74 -11.67 21.75
N ASP B 126 7.43 -10.37 21.96
CA ASP B 126 6.82 -9.94 23.20
C ASP B 126 5.33 -10.23 23.08
N CYS B 127 4.89 -11.32 23.67
CA CYS B 127 3.50 -11.69 23.60
C CYS B 127 2.85 -11.71 24.99
N THR B 128 3.42 -10.91 25.89
CA THR B 128 2.94 -10.79 27.26
C THR B 128 2.16 -9.49 27.29
N ASP B 129 0.84 -9.55 27.40
CA ASP B 129 0.06 -8.32 27.40
C ASP B 129 0.26 -7.51 28.69
N ASN B 130 1.47 -7.58 29.24
CA ASN B 130 1.83 -6.85 30.46
C ASN B 130 2.84 -5.73 30.21
N MET B 131 2.39 -4.49 30.34
CA MET B 131 3.23 -3.31 30.14
C MET B 131 4.59 -3.36 30.86
N ALA B 132 4.66 -4.16 31.93
CA ALA B 132 5.88 -4.29 32.72
C ALA B 132 6.91 -5.21 32.08
N THR B 133 6.55 -6.49 31.94
CA THR B 133 7.45 -7.47 31.33
C THR B 133 7.94 -6.84 30.04
N ARG B 134 6.98 -6.32 29.29
CA ARG B 134 7.21 -5.65 28.01
C ARG B 134 8.40 -4.70 28.15
N GLN B 135 8.34 -3.83 29.14
CA GLN B 135 9.40 -2.86 29.38
C GLN B 135 10.76 -3.46 29.67
N GLU B 136 10.80 -4.58 30.39
CA GLU B 136 12.08 -5.22 30.69
C GLU B 136 12.67 -5.83 29.43
N ILE B 137 11.83 -6.49 28.64
CA ILE B 137 12.25 -7.12 27.39
C ILE B 137 12.87 -6.09 26.45
N ASN B 138 12.16 -4.99 26.20
CA ASN B 138 12.68 -3.93 25.33
C ASN B 138 14.09 -3.53 25.78
N ALA B 139 14.31 -3.58 27.09
CA ALA B 139 15.60 -3.24 27.66
C ALA B 139 16.62 -4.30 27.31
N ALA B 140 16.23 -5.55 27.49
CA ALA B 140 17.12 -6.65 27.19
C ALA B 140 17.39 -6.72 25.70
N CYS B 141 16.33 -6.60 24.90
CA CYS B 141 16.48 -6.64 23.45
C CYS B 141 17.42 -5.59 22.91
N VAL B 142 17.46 -4.42 23.55
CA VAL B 142 18.35 -3.36 23.09
C VAL B 142 19.76 -3.55 23.63
N ALA B 143 19.84 -4.18 24.80
CA ALA B 143 21.13 -4.45 25.41
C ALA B 143 21.90 -5.45 24.57
N LEU B 144 21.22 -6.52 24.17
CA LEU B 144 21.83 -7.57 23.35
C LEU B 144 21.49 -7.40 21.88
N ASN B 145 21.30 -6.15 21.48
CA ASN B 145 20.96 -5.79 20.10
C ASN B 145 20.22 -6.91 19.35
N THR B 146 19.15 -7.39 19.99
CA THR B 146 18.31 -8.46 19.45
C THR B 146 16.97 -7.87 19.07
N PRO B 147 16.56 -8.06 17.80
CA PRO B 147 15.28 -7.55 17.30
C PRO B 147 14.10 -7.94 18.17
N LEU B 148 13.17 -7.01 18.32
CA LEU B 148 11.99 -7.25 19.13
C LEU B 148 10.71 -6.97 18.34
N ILE B 149 9.83 -7.96 18.29
CA ILE B 149 8.54 -7.80 17.64
C ILE B 149 7.55 -7.86 18.79
N THR B 150 6.84 -6.75 19.01
CA THR B 150 5.89 -6.66 20.10
C THR B 150 4.49 -6.30 19.60
N ALA B 151 3.46 -6.75 20.33
CA ALA B 151 2.08 -6.47 19.96
C ALA B 151 1.16 -6.26 21.18
N SER B 152 -0.12 -5.99 20.91
CA SER B 152 -1.13 -5.74 21.95
C SER B 152 -2.47 -5.93 21.26
N ALA B 153 -3.53 -6.16 22.04
CA ALA B 153 -4.84 -6.32 21.44
C ALA B 153 -5.93 -6.25 22.51
N VAL B 154 -6.73 -5.19 22.42
CA VAL B 154 -7.80 -4.93 23.37
C VAL B 154 -9.16 -4.73 22.71
N GLY B 155 -10.14 -5.53 23.08
CA GLY B 155 -11.45 -5.36 22.49
C GLY B 155 -11.46 -5.64 21.00
N PHE B 156 -11.55 -4.58 20.20
CA PHE B 156 -11.55 -4.74 18.74
C PHE B 156 -10.30 -4.13 18.09
N GLY B 157 -9.41 -3.58 18.90
CA GLY B 157 -8.21 -2.97 18.36
C GLY B 157 -6.89 -3.62 18.71
N GLY B 158 -6.07 -3.85 17.68
CA GLY B 158 -4.75 -4.46 17.88
C GLY B 158 -3.66 -3.43 17.67
N GLN B 159 -2.43 -3.83 17.99
CA GLN B 159 -1.28 -2.94 17.84
C GLN B 159 -0.07 -3.80 17.53
N LEU B 160 0.78 -3.35 16.61
CA LEU B 160 1.99 -4.10 16.23
C LEU B 160 3.21 -3.21 16.01
N MET B 161 4.39 -3.74 16.35
CA MET B 161 5.65 -2.99 16.22
C MET B 161 6.86 -3.90 16.00
N VAL B 162 7.71 -3.54 15.05
CA VAL B 162 8.94 -4.30 14.78
C VAL B 162 10.13 -3.38 15.06
N LEU B 163 10.81 -3.61 16.17
CA LEU B 163 11.95 -2.79 16.54
C LEU B 163 13.25 -3.56 16.29
N THR B 164 14.15 -3.00 15.46
CA THR B 164 15.41 -3.67 15.15
C THR B 164 16.70 -2.94 15.50
N PRO B 165 17.79 -3.70 15.75
CA PRO B 165 19.16 -3.32 16.12
C PRO B 165 19.64 -1.91 15.80
N PRO B 166 19.62 -1.50 14.52
CA PRO B 166 20.11 -0.13 14.35
C PRO B 166 19.37 0.80 15.33
N TRP B 167 18.20 0.35 15.78
CA TRP B 167 17.35 1.07 16.73
C TRP B 167 17.08 2.48 16.26
N GLU B 168 17.11 2.65 14.95
CA GLU B 168 16.92 3.94 14.32
C GLU B 168 15.74 4.76 14.84
N GLN B 169 14.52 4.24 14.73
CA GLN B 169 13.37 5.00 15.19
C GLN B 169 12.85 4.69 16.60
N GLY B 170 13.78 4.53 17.54
CA GLY B 170 13.39 4.29 18.92
C GLY B 170 13.32 2.87 19.44
N CYS B 171 13.07 2.77 20.74
CA CYS B 171 12.94 1.50 21.45
C CYS B 171 11.51 1.58 21.97
N TYR B 172 11.11 0.64 22.82
CA TYR B 172 9.74 0.68 23.33
C TYR B 172 9.54 1.74 24.39
N ARG B 173 10.62 2.19 25.01
CA ARG B 173 10.51 3.23 26.03
C ARG B 173 10.46 4.56 25.30
N CYS B 174 11.22 4.69 24.22
CA CYS B 174 11.20 5.91 23.42
C CYS B 174 9.79 6.27 23.07
N LEU B 175 8.90 5.30 23.21
CA LEU B 175 7.51 5.51 22.88
C LEU B 175 6.65 5.71 24.12
N TRP B 176 6.72 4.77 25.07
CA TRP B 176 5.95 4.85 26.30
C TRP B 176 6.81 5.16 27.51
N ALA B 189 -11.07 -4.74 29.56
CA ALA B 189 -10.20 -5.90 29.59
C ALA B 189 -10.83 -7.06 28.81
N GLY B 190 -11.68 -6.73 27.85
CA GLY B 190 -12.32 -7.74 27.01
C GLY B 190 -11.66 -7.74 25.64
N VAL B 191 -11.66 -8.87 24.95
CA VAL B 191 -11.01 -8.97 23.63
C VAL B 191 -11.71 -9.91 22.67
N VAL B 192 -11.74 -9.51 21.40
CA VAL B 192 -12.35 -10.33 20.36
C VAL B 192 -11.31 -11.38 19.97
N GLY B 193 -11.75 -12.61 19.75
CA GLY B 193 -10.80 -13.66 19.39
C GLY B 193 -9.88 -13.28 18.25
N PRO B 194 -10.43 -13.25 17.03
CA PRO B 194 -9.69 -12.90 15.82
C PRO B 194 -8.81 -11.66 15.90
N VAL B 195 -9.21 -10.65 16.64
CA VAL B 195 -8.36 -9.46 16.69
C VAL B 195 -6.98 -9.72 17.29
N VAL B 196 -6.88 -10.49 18.38
CA VAL B 196 -5.55 -10.78 18.94
C VAL B 196 -4.86 -11.71 17.97
N GLY B 197 -5.63 -12.65 17.44
CA GLY B 197 -5.09 -13.60 16.48
C GLY B 197 -4.35 -12.91 15.36
N VAL B 198 -5.05 -12.05 14.62
CA VAL B 198 -4.43 -11.34 13.53
C VAL B 198 -3.11 -10.76 14.00
N MET B 199 -3.13 -10.06 15.13
CA MET B 199 -1.91 -9.47 15.64
C MET B 199 -0.82 -10.51 15.89
N GLY B 200 -1.19 -11.64 16.48
CA GLY B 200 -0.21 -12.66 16.76
C GLY B 200 0.33 -13.27 15.48
N THR B 201 -0.57 -13.68 14.60
CA THR B 201 -0.17 -14.27 13.34
C THR B 201 0.78 -13.29 12.64
N LEU B 202 0.42 -12.01 12.63
CA LEU B 202 1.28 -11.02 12.01
C LEU B 202 2.64 -10.96 12.72
N GLN B 203 2.67 -11.26 14.02
CA GLN B 203 3.94 -11.24 14.72
C GLN B 203 4.83 -12.35 14.16
N ALA B 204 4.21 -13.46 13.76
CA ALA B 204 4.96 -14.57 13.21
C ALA B 204 5.46 -14.16 11.83
N LEU B 205 4.54 -13.62 11.02
CA LEU B 205 4.89 -13.18 9.69
C LEU B 205 6.14 -12.33 9.72
N GLU B 206 6.19 -11.38 10.64
CA GLU B 206 7.36 -10.52 10.72
C GLU B 206 8.61 -11.28 11.14
N ALA B 207 8.46 -12.28 11.99
CA ALA B 207 9.62 -13.06 12.43
C ALA B 207 10.18 -13.85 11.25
N ILE B 208 9.29 -14.49 10.50
CA ILE B 208 9.69 -15.26 9.33
C ILE B 208 10.37 -14.36 8.30
N LYS B 209 9.86 -13.14 8.12
CA LYS B 209 10.45 -12.19 7.18
C LYS B 209 11.79 -11.71 7.71
N LEU B 210 11.92 -11.63 9.02
CA LEU B 210 13.15 -11.17 9.63
C LEU B 210 14.21 -12.27 9.60
N LEU B 211 13.78 -13.50 9.87
CA LEU B 211 14.71 -14.62 9.89
C LEU B 211 15.07 -15.12 8.51
N SER B 212 14.22 -14.87 7.51
CA SER B 212 14.54 -15.35 6.17
C SER B 212 15.31 -14.26 5.41
N GLY B 213 15.16 -13.01 5.84
CA GLY B 213 15.88 -11.92 5.22
C GLY B 213 15.10 -11.09 4.23
N ILE B 214 13.79 -10.99 4.42
CA ILE B 214 12.97 -10.21 3.52
C ILE B 214 12.78 -8.79 4.03
N GLU B 215 12.82 -7.81 3.13
CA GLU B 215 12.67 -6.39 3.48
C GLU B 215 11.33 -6.11 4.13
N THR B 216 11.32 -5.36 5.24
CA THR B 216 10.06 -5.07 5.91
C THR B 216 9.95 -3.72 6.60
N PRO B 217 9.29 -2.74 5.98
CA PRO B 217 9.19 -1.44 6.68
C PRO B 217 8.82 -1.77 8.13
N ALA B 218 9.61 -1.28 9.07
CA ALA B 218 9.36 -1.59 10.47
C ALA B 218 9.34 -0.43 11.43
N GLY B 219 9.83 0.73 10.99
CA GLY B 219 9.85 1.87 11.88
C GLY B 219 8.50 2.49 12.23
N GLU B 220 7.43 1.72 12.08
CA GLU B 220 6.10 2.25 12.37
C GLU B 220 5.33 1.46 13.41
N LEU B 221 4.24 2.06 13.89
CA LEU B 221 3.38 1.43 14.88
C LEU B 221 2.05 1.09 14.21
N ARG B 222 1.95 -0.12 13.68
CA ARG B 222 0.72 -0.49 13.03
C ARG B 222 -0.41 -0.67 14.03
N LEU B 223 -1.55 -0.02 13.77
CA LEU B 223 -2.73 -0.12 14.63
C LEU B 223 -3.86 -0.67 13.79
N PHE B 224 -4.60 -1.62 14.34
CA PHE B 224 -5.71 -2.21 13.61
C PHE B 224 -7.01 -1.97 14.37
N ASP B 225 -8.04 -1.53 13.66
CA ASP B 225 -9.35 -1.30 14.24
C ASP B 225 -10.24 -2.36 13.62
N GLY B 226 -10.40 -3.47 14.32
CA GLY B 226 -11.20 -4.56 13.81
C GLY B 226 -12.69 -4.32 13.61
N LYS B 227 -13.20 -3.19 14.11
CA LYS B 227 -14.64 -2.92 13.96
C LYS B 227 -14.89 -2.24 12.62
N SER B 228 -14.07 -1.24 12.34
CA SER B 228 -14.16 -0.49 11.09
C SER B 228 -13.43 -1.24 9.98
N SER B 229 -12.57 -2.17 10.38
CA SER B 229 -11.79 -2.96 9.45
C SER B 229 -10.82 -2.10 8.63
N GLN B 230 -9.99 -1.34 9.33
CA GLN B 230 -9.02 -0.49 8.67
C GLN B 230 -7.76 -0.31 9.53
N TRP B 231 -6.61 -0.25 8.87
CA TRP B 231 -5.33 -0.09 9.54
C TRP B 231 -4.84 1.35 9.49
N ARG B 232 -3.98 1.72 10.42
CA ARG B 232 -3.45 3.08 10.48
C ARG B 232 -2.05 2.91 11.01
N SER B 233 -1.16 3.86 10.75
CA SER B 233 0.20 3.78 11.25
C SER B 233 0.64 5.11 11.84
N LEU B 234 1.57 5.07 12.78
CA LEU B 234 2.09 6.29 13.42
C LEU B 234 3.60 6.21 13.23
N ALA B 235 4.22 7.34 12.90
CA ALA B 235 5.67 7.34 12.70
C ALA B 235 6.41 7.36 14.04
N LEU B 236 7.21 6.33 14.30
CA LEU B 236 7.97 6.25 15.52
C LEU B 236 9.15 7.21 15.45
N ARG B 237 9.65 7.61 16.61
CA ARG B 237 10.79 8.51 16.67
C ARG B 237 11.54 8.22 17.97
N ARG B 238 12.84 7.96 17.85
CA ARG B 238 13.65 7.67 19.02
C ARG B 238 13.69 8.92 19.89
N ALA B 239 13.11 8.80 21.09
CA ALA B 239 13.04 9.91 22.04
C ALA B 239 14.41 10.51 22.36
N SER B 240 14.42 11.83 22.53
CA SER B 240 15.64 12.56 22.87
C SER B 240 16.18 12.09 24.21
N GLY B 241 17.35 11.48 24.19
CA GLY B 241 17.96 11.00 25.43
C GLY B 241 17.20 9.84 26.06
N CYS B 242 16.78 8.91 25.23
CA CYS B 242 16.06 7.76 25.73
C CYS B 242 16.94 6.89 26.64
N PRO B 243 16.42 6.50 27.81
CA PRO B 243 17.14 5.66 28.78
C PRO B 243 17.62 4.29 28.29
N VAL B 244 17.70 4.12 26.97
CA VAL B 244 18.15 2.86 26.38
C VAL B 244 18.84 3.13 25.05
N CYS B 245 18.14 3.81 24.14
CA CYS B 245 18.75 4.14 22.86
C CYS B 245 19.85 5.14 23.09
N MET C 3 -5.18 43.57 -11.58
CA MET C 3 -5.89 42.51 -12.35
C MET C 3 -6.45 43.07 -13.65
N ASN C 4 -6.27 42.34 -14.75
CA ASN C 4 -6.76 42.78 -16.05
C ASN C 4 -7.24 41.67 -16.97
N ASP C 5 -7.79 42.06 -18.12
CA ASP C 5 -8.32 41.14 -19.12
C ASP C 5 -7.34 40.06 -19.58
N ARG C 6 -6.05 40.40 -19.59
CA ARG C 6 -5.00 39.49 -20.01
C ARG C 6 -4.85 38.34 -19.01
N ASP C 7 -4.44 38.68 -17.78
CA ASP C 7 -4.27 37.68 -16.73
C ASP C 7 -5.49 36.79 -16.77
N PHE C 8 -6.60 37.40 -16.44
CA PHE C 8 -7.90 36.74 -16.41
C PHE C 8 -8.02 35.58 -17.41
N MET C 9 -7.65 35.84 -18.66
CA MET C 9 -7.73 34.82 -19.70
C MET C 9 -6.75 33.67 -19.38
N ARG C 10 -5.54 34.05 -18.99
CA ARG C 10 -4.51 33.11 -18.62
C ARG C 10 -4.97 32.19 -17.47
N TYR C 11 -5.31 32.81 -16.34
CA TYR C 11 -5.75 32.09 -15.15
C TYR C 11 -7.21 31.63 -15.22
N SER C 12 -7.82 31.71 -16.39
CA SER C 12 -9.21 31.33 -16.52
C SER C 12 -9.61 29.95 -16.01
N ARG C 13 -8.74 28.95 -16.09
CA ARG C 13 -9.14 27.63 -15.64
C ARG C 13 -9.09 27.46 -14.13
N GLN C 14 -8.39 28.39 -13.48
CA GLN C 14 -8.28 28.38 -12.03
C GLN C 14 -9.50 29.14 -11.53
N ILE C 15 -9.69 30.29 -12.15
CA ILE C 15 -10.76 31.23 -11.84
C ILE C 15 -12.18 30.68 -11.94
N LEU C 16 -12.42 29.78 -12.90
CA LEU C 16 -13.74 29.18 -13.04
C LEU C 16 -13.88 28.03 -12.06
N LEU C 17 -13.02 28.02 -11.05
CA LEU C 17 -13.05 26.97 -10.04
C LEU C 17 -13.62 27.47 -8.73
N ASP C 18 -14.74 26.87 -8.35
CA ASP C 18 -15.47 27.18 -7.14
C ASP C 18 -14.54 27.52 -5.97
N ASP C 19 -13.61 26.62 -5.68
CA ASP C 19 -12.69 26.79 -4.56
C ASP C 19 -11.59 27.84 -4.66
N ILE C 20 -11.36 28.38 -5.85
CA ILE C 20 -10.34 29.40 -5.97
C ILE C 20 -11.05 30.66 -6.42
N ALA C 21 -11.80 30.54 -7.51
CA ALA C 21 -12.54 31.68 -8.08
C ALA C 21 -11.66 32.92 -8.14
N LEU C 22 -12.29 34.07 -8.36
CA LEU C 22 -11.53 35.32 -8.43
C LEU C 22 -10.93 35.67 -7.08
N ASP C 23 -11.56 35.18 -6.01
CA ASP C 23 -11.09 35.45 -4.66
C ASP C 23 -9.66 34.92 -4.55
N GLY C 24 -9.53 33.60 -4.74
CA GLY C 24 -8.25 32.94 -4.67
C GLY C 24 -7.24 33.46 -5.67
N GLN C 25 -7.65 33.56 -6.93
CA GLN C 25 -6.74 34.04 -7.94
C GLN C 25 -6.01 35.30 -7.50
N GLN C 26 -6.73 36.16 -6.78
CA GLN C 26 -6.12 37.38 -6.26
C GLN C 26 -5.05 36.97 -5.25
N LYS C 27 -5.51 36.34 -4.17
CA LYS C 27 -4.63 35.88 -3.10
C LYS C 27 -3.35 35.26 -3.62
N LEU C 28 -3.47 34.33 -4.53
CA LEU C 28 -2.28 33.69 -5.11
C LEU C 28 -1.35 34.80 -5.56
N LEU C 29 -1.86 35.67 -6.43
CA LEU C 29 -1.12 36.78 -6.99
C LEU C 29 -0.48 37.73 -5.97
N ASP C 30 -0.93 37.66 -4.72
CA ASP C 30 -0.39 38.53 -3.68
C ASP C 30 0.46 37.73 -2.71
N SER C 31 0.83 36.52 -3.11
CA SER C 31 1.62 35.66 -2.25
C SER C 31 3.06 35.47 -2.74
N GLN C 32 3.95 35.26 -1.79
CA GLN C 32 5.35 35.04 -2.10
C GLN C 32 5.74 33.64 -1.61
N VAL C 33 6.30 32.85 -2.53
CA VAL C 33 6.72 31.48 -2.24
C VAL C 33 8.22 31.26 -2.47
N LEU C 34 8.90 30.76 -1.43
CA LEU C 34 10.32 30.46 -1.52
C LEU C 34 10.45 28.99 -1.87
N ILE C 35 11.26 28.69 -2.89
CA ILE C 35 11.47 27.33 -3.33
C ILE C 35 12.96 27.04 -3.27
N ILE C 36 13.40 26.48 -2.15
CA ILE C 36 14.81 26.16 -1.96
C ILE C 36 15.16 24.83 -2.63
N GLY C 37 15.93 24.90 -3.70
CA GLY C 37 16.30 23.70 -4.42
C GLY C 37 15.53 23.58 -5.72
N LEU C 38 16.23 23.60 -6.85
CA LEU C 38 15.58 23.50 -8.14
C LEU C 38 15.94 22.18 -8.83
N GLY C 39 15.59 21.07 -8.18
CA GLY C 39 15.87 19.75 -8.70
C GLY C 39 14.64 19.05 -9.23
N GLY C 40 14.55 17.75 -8.97
CA GLY C 40 13.41 16.98 -9.43
C GLY C 40 12.16 17.32 -8.67
N LEU C 41 12.32 18.09 -7.60
CA LEU C 41 11.20 18.52 -6.80
C LEU C 41 10.90 19.97 -7.15
N GLY C 42 11.80 20.88 -6.80
CA GLY C 42 11.61 22.30 -7.09
C GLY C 42 11.30 22.66 -8.53
N THR C 43 11.75 21.85 -9.48
CA THR C 43 11.50 22.16 -10.88
C THR C 43 10.02 22.06 -11.29
N PRO C 44 9.36 20.94 -10.98
CA PRO C 44 7.95 20.83 -11.37
C PRO C 44 7.10 21.73 -10.48
N ALA C 45 7.61 22.01 -9.29
CA ALA C 45 6.92 22.86 -8.34
C ALA C 45 6.95 24.28 -8.87
N ALA C 46 8.15 24.87 -8.91
CA ALA C 46 8.32 26.23 -9.41
C ALA C 46 7.50 26.43 -10.68
N LEU C 47 7.58 25.45 -11.56
CA LEU C 47 6.86 25.48 -12.82
C LEU C 47 5.36 25.67 -12.61
N TYR C 48 4.68 24.62 -12.16
CA TYR C 48 3.23 24.68 -11.93
C TYR C 48 2.78 25.90 -11.10
N LEU C 49 3.60 26.33 -10.16
CA LEU C 49 3.23 27.49 -9.37
C LEU C 49 3.22 28.73 -10.26
N ALA C 50 4.23 28.88 -11.09
CA ALA C 50 4.30 30.03 -11.98
C ALA C 50 3.03 30.07 -12.83
N GLY C 51 2.80 28.98 -13.54
CA GLY C 51 1.64 28.89 -14.39
C GLY C 51 0.34 29.14 -13.64
N ALA C 52 0.39 29.07 -12.31
CA ALA C 52 -0.80 29.29 -11.50
C ALA C 52 -1.02 30.77 -11.20
N GLY C 53 0.06 31.49 -10.97
CA GLY C 53 -0.07 32.90 -10.70
C GLY C 53 0.53 33.36 -9.38
N VAL C 54 1.32 32.53 -8.71
CA VAL C 54 1.90 33.00 -7.47
C VAL C 54 2.64 34.31 -7.73
N GLY C 55 2.24 35.35 -7.01
CA GLY C 55 2.87 36.66 -7.17
C GLY C 55 4.38 36.70 -7.13
N THR C 56 5.00 36.03 -6.18
CA THR C 56 6.46 36.07 -6.13
C THR C 56 7.10 34.74 -5.82
N LEU C 57 7.97 34.29 -6.73
CA LEU C 57 8.69 33.04 -6.59
C LEU C 57 10.17 33.31 -6.38
N VAL C 58 10.64 33.12 -5.16
CA VAL C 58 12.07 33.32 -4.89
C VAL C 58 12.71 31.95 -5.09
N LEU C 59 13.32 31.77 -6.25
CA LEU C 59 13.96 30.53 -6.65
C LEU C 59 15.42 30.39 -6.20
N ALA C 60 15.64 29.64 -5.12
CA ALA C 60 16.99 29.43 -4.59
C ALA C 60 17.64 28.12 -5.02
N ASP C 61 18.95 28.14 -5.23
CA ASP C 61 19.71 26.96 -5.65
C ASP C 61 21.14 27.36 -6.05
N ASP C 62 22.12 26.76 -5.39
CA ASP C 62 23.53 27.08 -5.62
C ASP C 62 24.26 26.29 -6.73
N ASP C 63 23.65 25.24 -7.26
CA ASP C 63 24.32 24.44 -8.28
C ASP C 63 23.98 24.75 -9.73
N ASP C 64 24.74 24.11 -10.63
CA ASP C 64 24.58 24.27 -12.07
C ASP C 64 23.92 23.04 -12.69
N VAL C 65 23.65 23.11 -13.98
CA VAL C 65 22.98 22.02 -14.68
C VAL C 65 23.90 20.93 -15.23
N HIS C 66 23.63 19.68 -14.87
CA HIS C 66 24.45 18.55 -15.34
C HIS C 66 23.63 17.57 -16.19
N LEU C 67 24.28 16.93 -17.15
CA LEU C 67 23.60 15.97 -18.03
C LEU C 67 22.76 14.95 -17.29
N SER C 68 23.23 14.48 -16.13
CA SER C 68 22.49 13.49 -15.36
C SER C 68 21.21 14.03 -14.73
N ASN C 69 21.07 15.35 -14.69
CA ASN C 69 19.90 16.00 -14.13
C ASN C 69 18.66 15.92 -15.02
N LEU C 70 18.87 15.72 -16.31
CA LEU C 70 17.75 15.71 -17.24
C LEU C 70 16.75 14.55 -17.28
N GLN C 71 16.80 13.58 -16.38
CA GLN C 71 15.77 12.55 -16.47
C GLN C 71 14.71 12.76 -15.40
N ARG C 72 14.73 13.95 -14.81
CA ARG C 72 13.77 14.30 -13.77
C ARG C 72 13.62 15.80 -13.55
N GLN C 73 14.63 16.57 -13.96
CA GLN C 73 14.60 18.01 -13.80
C GLN C 73 14.20 18.65 -15.12
N ILE C 74 12.89 18.58 -15.39
CA ILE C 74 12.26 19.07 -16.61
C ILE C 74 12.26 20.56 -16.97
N LEU C 75 12.86 21.41 -16.15
CA LEU C 75 12.90 22.84 -16.47
C LEU C 75 14.23 23.20 -17.13
N PHE C 76 15.06 22.19 -17.37
CA PHE C 76 16.37 22.39 -17.98
C PHE C 76 16.49 21.60 -19.28
N THR C 77 17.33 22.10 -20.18
CA THR C 77 17.56 21.45 -21.47
C THR C 77 19.04 21.10 -21.54
N THR C 78 19.43 20.29 -22.54
CA THR C 78 20.84 19.94 -22.67
C THR C 78 21.63 21.25 -22.76
N GLU C 79 21.18 22.10 -23.66
CA GLU C 79 21.81 23.38 -23.91
C GLU C 79 21.98 24.25 -22.66
N ASP C 80 21.38 23.83 -21.54
CA ASP C 80 21.48 24.61 -20.31
C ASP C 80 22.60 24.14 -19.39
N ILE C 81 23.28 23.07 -19.78
CA ILE C 81 24.33 22.52 -18.94
C ILE C 81 25.45 23.47 -18.49
N ASP C 82 25.96 23.21 -17.28
CA ASP C 82 27.01 24.01 -16.66
C ASP C 82 26.54 25.41 -16.33
N ARG C 83 25.38 25.74 -16.85
CA ARG C 83 24.78 27.03 -16.59
C ARG C 83 24.08 26.88 -15.24
N PRO C 84 24.16 27.90 -14.37
CA PRO C 84 23.53 27.82 -13.04
C PRO C 84 22.02 27.67 -13.12
N LYS C 85 21.48 26.85 -12.22
CA LYS C 85 20.06 26.58 -12.19
C LYS C 85 19.16 27.77 -11.88
N SER C 86 19.36 28.40 -10.72
CA SER C 86 18.52 29.53 -10.33
C SER C 86 18.37 30.53 -11.47
N GLN C 87 19.44 30.73 -12.24
CA GLN C 87 19.37 31.65 -13.36
C GLN C 87 18.48 31.05 -14.45
N VAL C 88 18.85 29.87 -14.94
CA VAL C 88 18.10 29.19 -15.99
C VAL C 88 16.63 29.05 -15.60
N SER C 89 16.37 28.77 -14.32
CA SER C 89 15.01 28.61 -13.84
C SER C 89 14.23 29.90 -14.00
N GLN C 90 14.63 30.92 -13.24
CA GLN C 90 13.98 32.22 -13.30
C GLN C 90 13.81 32.66 -14.74
N GLN C 91 14.79 32.32 -15.55
CA GLN C 91 14.79 32.67 -16.94
C GLN C 91 13.74 31.91 -17.75
N ARG C 92 13.68 30.60 -17.59
CA ARG C 92 12.69 29.80 -18.33
C ARG C 92 11.28 30.04 -17.77
N LEU C 93 11.20 30.33 -16.49
CA LEU C 93 9.91 30.58 -15.85
C LEU C 93 9.35 31.94 -16.25
N THR C 94 10.21 32.96 -16.28
CA THR C 94 9.81 34.31 -16.66
C THR C 94 9.25 34.26 -18.08
N GLN C 95 9.59 33.20 -18.78
CA GLN C 95 9.20 32.98 -20.17
C GLN C 95 7.81 32.34 -20.26
N LEU C 96 7.32 31.86 -19.13
CA LEU C 96 6.02 31.19 -19.05
C LEU C 96 5.00 32.21 -18.57
N ASN C 97 5.35 32.91 -17.51
CA ASN C 97 4.49 33.92 -16.92
C ASN C 97 5.36 35.15 -16.69
N PRO C 98 5.40 36.04 -17.70
CA PRO C 98 6.18 37.28 -17.63
C PRO C 98 5.56 38.20 -16.61
N ASP C 99 4.24 38.09 -16.50
CA ASP C 99 3.42 38.91 -15.62
C ASP C 99 3.61 38.72 -14.11
N ILE C 100 4.58 37.90 -13.71
CA ILE C 100 4.84 37.69 -12.30
C ILE C 100 6.32 37.95 -12.00
N GLN C 101 6.61 38.32 -10.76
CA GLN C 101 7.98 38.60 -10.36
C GLN C 101 8.69 37.35 -9.88
N LEU C 102 9.75 36.98 -10.58
CA LEU C 102 10.54 35.79 -10.24
C LEU C 102 11.95 36.21 -9.84
N THR C 103 12.33 35.87 -8.62
CA THR C 103 13.65 36.23 -8.13
C THR C 103 14.60 35.02 -8.10
N ALA C 104 15.70 35.11 -8.85
CA ALA C 104 16.69 34.04 -8.87
C ALA C 104 17.45 34.11 -7.55
N LEU C 105 18.47 33.28 -7.35
CA LEU C 105 19.22 33.30 -6.09
C LEU C 105 20.22 32.16 -5.99
N GLN C 106 21.41 32.35 -6.55
CA GLN C 106 22.47 31.36 -6.55
C GLN C 106 23.26 31.25 -5.25
N GLN C 107 22.57 31.24 -4.11
CA GLN C 107 23.25 31.13 -2.84
C GLN C 107 22.62 30.11 -1.91
N ARG C 108 23.44 29.49 -1.06
CA ARG C 108 22.94 28.55 -0.08
C ARG C 108 22.29 29.38 1.00
N LEU C 109 20.97 29.27 1.15
CA LEU C 109 20.31 30.05 2.19
C LEU C 109 20.55 29.48 3.58
N THR C 110 21.69 29.82 4.18
CA THR C 110 22.00 29.33 5.52
C THR C 110 21.80 30.46 6.53
N GLY C 111 21.55 30.09 7.78
CA GLY C 111 21.34 31.08 8.83
C GLY C 111 20.53 32.30 8.42
N GLU C 112 21.07 33.47 8.73
CA GLU C 112 20.42 34.75 8.43
C GLU C 112 19.81 34.86 7.04
N ALA C 113 20.63 34.67 6.00
CA ALA C 113 20.14 34.75 4.63
C ALA C 113 18.81 34.03 4.52
N LEU C 114 18.77 32.83 5.07
CA LEU C 114 17.58 32.00 5.07
C LEU C 114 16.47 32.65 5.87
N LYS C 115 16.74 32.89 7.15
CA LYS C 115 15.78 33.50 8.06
C LYS C 115 15.01 34.64 7.38
N ASP C 116 15.72 35.44 6.60
CA ASP C 116 15.08 36.55 5.88
C ASP C 116 14.06 36.06 4.86
N ALA C 117 14.53 35.41 3.80
CA ALA C 117 13.65 34.90 2.75
C ALA C 117 12.50 34.08 3.30
N VAL C 118 12.74 33.38 4.41
CA VAL C 118 11.71 32.57 5.02
C VAL C 118 10.55 33.45 5.50
N ALA C 119 10.83 34.35 6.44
CA ALA C 119 9.82 35.26 6.98
C ALA C 119 9.20 36.03 5.82
N ARG C 120 10.07 36.50 4.93
CA ARG C 120 9.64 37.24 3.75
C ARG C 120 8.94 36.30 2.79
N ALA C 121 8.15 35.38 3.31
CA ALA C 121 7.48 34.43 2.43
C ALA C 121 6.26 33.79 3.08
N ASP C 122 5.18 33.73 2.33
CA ASP C 122 3.93 33.15 2.82
C ASP C 122 4.05 31.64 3.00
N VAL C 123 4.83 31.01 2.13
CA VAL C 123 5.04 29.56 2.18
C VAL C 123 6.44 29.20 1.71
N VAL C 124 7.00 28.16 2.31
CA VAL C 124 8.35 27.71 1.95
C VAL C 124 8.37 26.24 1.56
N LEU C 125 8.74 25.97 0.31
CA LEU C 125 8.83 24.60 -0.16
C LEU C 125 10.26 24.09 -0.02
N ASP C 126 10.42 23.02 0.76
CA ASP C 126 11.73 22.39 0.93
C ASP C 126 11.84 21.50 -0.30
N CYS C 127 12.85 21.74 -1.12
CA CYS C 127 13.02 20.98 -2.34
C CYS C 127 14.45 20.51 -2.50
N THR C 128 15.15 20.47 -1.37
CA THR C 128 16.54 20.05 -1.35
C THR C 128 16.59 18.66 -0.77
N ASP C 129 16.79 17.64 -1.59
CA ASP C 129 16.83 16.27 -1.07
C ASP C 129 18.03 16.10 -0.14
N ASN C 130 18.18 17.03 0.80
CA ASN C 130 19.29 16.98 1.75
C ASN C 130 18.79 17.18 3.20
N MET C 131 19.03 16.19 4.06
CA MET C 131 18.59 16.25 5.46
C MET C 131 19.27 17.39 6.21
N ALA C 132 20.42 17.82 5.69
CA ALA C 132 21.16 18.91 6.31
C ALA C 132 20.36 20.20 6.22
N THR C 133 20.19 20.70 5.00
CA THR C 133 19.45 21.92 4.75
C THR C 133 18.03 21.86 5.32
N ARG C 134 17.36 20.74 5.07
CA ARG C 134 16.00 20.55 5.54
C ARG C 134 15.83 20.91 7.00
N GLN C 135 16.66 20.33 7.87
CA GLN C 135 16.54 20.62 9.29
C GLN C 135 16.71 22.11 9.62
N GLU C 136 17.54 22.80 8.83
CA GLU C 136 17.78 24.23 9.03
C GLU C 136 16.56 25.02 8.55
N ILE C 137 15.92 24.50 7.52
CA ILE C 137 14.73 25.12 6.98
C ILE C 137 13.57 24.96 7.96
N ASN C 138 13.56 23.83 8.68
CA ASN C 138 12.51 23.55 9.65
C ASN C 138 12.62 24.56 10.78
N ALA C 139 13.86 24.87 11.16
CA ALA C 139 14.10 25.84 12.24
C ALA C 139 13.47 27.17 11.83
N ALA C 140 14.06 27.82 10.83
CA ALA C 140 13.57 29.10 10.32
C ALA C 140 12.04 29.12 10.24
N CYS C 141 11.49 28.27 9.38
CA CYS C 141 10.05 28.20 9.20
C CYS C 141 9.23 28.16 10.48
N VAL C 142 9.78 27.58 11.54
CA VAL C 142 9.06 27.49 12.80
C VAL C 142 9.30 28.76 13.61
N ALA C 143 10.55 29.21 13.59
CA ALA C 143 10.96 30.39 14.32
C ALA C 143 10.45 31.67 13.67
N LEU C 144 9.67 31.51 12.59
CA LEU C 144 9.10 32.66 11.87
C LEU C 144 7.70 32.32 11.38
N ASN C 145 7.00 31.50 12.17
CA ASN C 145 5.65 31.04 11.87
C ASN C 145 5.20 31.13 10.41
N THR C 146 6.06 30.65 9.51
CA THR C 146 5.77 30.61 8.08
C THR C 146 5.73 29.12 7.68
N PRO C 147 4.63 28.70 7.05
CA PRO C 147 4.38 27.32 6.58
C PRO C 147 5.51 26.64 5.82
N LEU C 148 5.68 25.34 6.06
CA LEU C 148 6.71 24.56 5.40
C LEU C 148 6.19 23.31 4.73
N ILE C 149 6.22 23.29 3.40
CA ILE C 149 5.78 22.13 2.63
C ILE C 149 7.05 21.42 2.19
N THR C 150 7.31 20.24 2.76
CA THR C 150 8.50 19.47 2.44
C THR C 150 8.20 18.11 1.80
N ALA C 151 9.06 17.73 0.87
CA ALA C 151 8.93 16.45 0.17
C ALA C 151 10.30 15.84 -0.03
N SER C 152 10.31 14.58 -0.45
CA SER C 152 11.55 13.84 -0.69
C SER C 152 11.20 12.60 -1.52
N ALA C 153 12.17 12.13 -2.30
CA ALA C 153 11.94 10.93 -3.12
C ALA C 153 13.21 10.16 -3.44
N VAL C 154 13.12 8.84 -3.34
CA VAL C 154 14.27 7.98 -3.63
C VAL C 154 13.81 6.62 -4.18
N GLY C 155 14.38 6.25 -5.32
CA GLY C 155 13.99 5.00 -5.94
C GLY C 155 12.61 5.16 -6.51
N PHE C 156 11.66 4.41 -5.95
CA PHE C 156 10.26 4.47 -6.38
C PHE C 156 9.44 5.02 -5.21
N GLY C 157 10.15 5.45 -4.16
CA GLY C 157 9.49 5.97 -2.98
C GLY C 157 9.41 7.49 -2.87
N GLY C 158 8.27 7.96 -2.35
CA GLY C 158 8.04 9.39 -2.18
C GLY C 158 7.49 9.76 -0.81
N GLN C 159 7.87 10.94 -0.35
CA GLN C 159 7.48 11.48 0.96
C GLN C 159 7.01 12.93 0.77
N LEU C 160 5.94 13.29 1.48
CA LEU C 160 5.39 14.66 1.44
C LEU C 160 4.81 15.02 2.79
N MET C 161 5.12 16.22 3.26
CA MET C 161 4.64 16.71 4.55
C MET C 161 4.29 18.19 4.47
N VAL C 162 3.10 18.55 4.94
CA VAL C 162 2.68 19.95 4.96
C VAL C 162 2.64 20.38 6.44
N LEU C 163 3.60 21.22 6.83
CA LEU C 163 3.68 21.70 8.20
C LEU C 163 3.27 23.18 8.33
N THR C 164 2.06 23.42 8.85
CA THR C 164 1.51 24.77 9.03
C THR C 164 1.85 25.42 10.37
N PRO C 165 2.07 26.75 10.36
CA PRO C 165 2.41 27.65 11.46
C PRO C 165 2.03 27.21 12.86
N PRO C 166 0.73 27.03 13.13
CA PRO C 166 0.30 26.61 14.48
C PRO C 166 1.07 25.43 15.07
N TRP C 167 1.85 24.74 14.23
CA TRP C 167 2.63 23.59 14.65
C TRP C 167 1.77 22.68 15.54
N GLU C 168 0.49 22.59 15.15
CA GLU C 168 -0.51 21.78 15.84
C GLU C 168 0.07 20.41 16.18
N GLN C 169 0.37 19.60 15.17
CA GLN C 169 0.96 18.30 15.46
C GLN C 169 2.38 18.64 15.87
N GLY C 170 3.32 18.42 14.97
CA GLY C 170 4.70 18.74 15.30
C GLY C 170 5.40 19.43 14.15
N CYS C 171 6.72 19.56 14.25
CA CYS C 171 7.50 20.15 13.19
C CYS C 171 8.29 18.99 12.59
N TYR C 172 9.18 19.24 11.63
CA TYR C 172 9.93 18.14 11.03
C TYR C 172 10.85 17.45 12.02
N ARG C 173 11.41 18.22 12.97
CA ARG C 173 12.30 17.63 13.95
C ARG C 173 11.57 16.79 14.99
N CYS C 174 10.24 16.83 14.97
CA CYS C 174 9.45 16.01 15.89
C CYS C 174 9.32 14.63 15.26
N LEU C 175 9.81 14.52 14.03
CA LEU C 175 9.75 13.27 13.29
C LEU C 175 11.13 12.67 13.13
N TRP C 176 12.11 13.54 12.89
CA TRP C 176 13.47 13.09 12.71
C TRP C 176 14.44 13.86 13.59
N PRO C 177 14.76 13.32 14.78
CA PRO C 177 15.67 13.92 15.75
C PRO C 177 17.02 14.23 15.15
N ASP C 178 17.67 13.20 14.62
CA ASP C 178 18.98 13.33 14.02
C ASP C 178 19.00 14.32 12.86
N ASN C 179 20.19 14.52 12.30
CA ASN C 179 20.40 15.45 11.20
C ASN C 179 21.12 14.70 10.06
N GLN C 180 21.16 13.38 10.16
CA GLN C 180 21.82 12.53 9.17
C GLN C 180 20.79 11.60 8.51
N GLU C 181 21.02 11.31 7.24
CA GLU C 181 20.13 10.45 6.45
C GLU C 181 19.74 9.12 7.11
N PRO C 182 18.55 8.58 6.78
CA PRO C 182 18.03 7.31 7.30
C PRO C 182 18.67 6.09 6.63
N GLU C 183 18.01 4.94 6.75
CA GLU C 183 18.50 3.73 6.13
C GLU C 183 17.98 3.63 4.71
N ARG C 184 18.12 4.74 3.98
CA ARG C 184 17.69 4.83 2.60
C ARG C 184 18.90 5.34 1.80
N ASN C 185 20.07 5.30 2.42
CA ASN C 185 21.32 5.71 1.77
C ASN C 185 21.58 4.58 0.79
N CYS C 186 21.68 3.39 1.36
CA CYS C 186 21.90 2.17 0.59
C CYS C 186 20.85 2.15 -0.51
N ARG C 187 19.59 2.24 -0.10
CA ARG C 187 18.46 2.25 -1.04
C ARG C 187 18.94 3.01 -2.27
N THR C 188 19.17 2.26 -3.34
CA THR C 188 19.66 2.82 -4.60
C THR C 188 19.71 4.34 -4.60
N ALA C 189 20.90 4.89 -4.82
CA ALA C 189 21.06 6.33 -4.87
C ALA C 189 20.53 6.90 -6.19
N GLY C 190 19.61 6.15 -6.82
CA GLY C 190 18.97 6.58 -8.06
C GLY C 190 17.51 6.97 -7.80
N VAL C 191 16.84 7.48 -8.81
CA VAL C 191 15.42 7.87 -8.66
C VAL C 191 14.71 7.77 -9.96
N VAL C 192 13.42 7.43 -9.87
CA VAL C 192 12.57 7.34 -11.04
C VAL C 192 12.03 8.77 -11.25
N GLY C 193 12.15 9.27 -12.47
CA GLY C 193 11.71 10.62 -12.77
C GLY C 193 10.33 10.94 -12.26
N PRO C 194 9.29 10.25 -12.77
CA PRO C 194 7.92 10.48 -12.35
C PRO C 194 7.69 10.40 -10.85
N VAL C 195 8.60 9.80 -10.10
CA VAL C 195 8.34 9.77 -8.68
C VAL C 195 8.73 11.09 -8.04
N VAL C 196 9.95 11.58 -8.24
CA VAL C 196 10.27 12.88 -7.65
C VAL C 196 9.29 13.87 -8.26
N GLY C 197 8.93 13.64 -9.52
CA GLY C 197 8.00 14.51 -10.20
C GLY C 197 6.72 14.66 -9.41
N VAL C 198 5.98 13.56 -9.28
CA VAL C 198 4.72 13.56 -8.54
C VAL C 198 4.90 14.30 -7.24
N MET C 199 5.94 14.00 -6.49
CA MET C 199 6.14 14.70 -5.23
C MET C 199 6.26 16.23 -5.37
N GLY C 200 7.15 16.72 -6.23
CA GLY C 200 7.29 18.15 -6.37
C GLY C 200 6.00 18.80 -6.83
N THR C 201 5.32 18.16 -7.77
CA THR C 201 4.06 18.67 -8.28
C THR C 201 3.06 18.80 -7.13
N LEU C 202 2.92 17.74 -6.34
CA LEU C 202 2.02 17.78 -5.20
C LEU C 202 2.44 18.88 -4.23
N GLN C 203 3.72 19.18 -4.11
CA GLN C 203 4.08 20.25 -3.20
C GLN C 203 3.44 21.53 -3.72
N ALA C 204 3.36 21.63 -5.04
CA ALA C 204 2.77 22.81 -5.66
C ALA C 204 1.28 22.86 -5.34
N LEU C 205 0.63 21.70 -5.41
CA LEU C 205 -0.80 21.60 -5.11
C LEU C 205 -1.09 22.01 -3.69
N GLU C 206 -0.27 21.55 -2.75
CA GLU C 206 -0.47 21.89 -1.36
C GLU C 206 -0.11 23.35 -1.12
N ALA C 207 0.85 23.86 -1.88
CA ALA C 207 1.25 25.26 -1.73
C ALA C 207 0.09 26.17 -2.14
N ILE C 208 -0.51 25.89 -3.30
CA ILE C 208 -1.62 26.68 -3.79
C ILE C 208 -2.73 26.67 -2.77
N LYS C 209 -3.36 25.51 -2.57
CA LYS C 209 -4.43 25.38 -1.58
C LYS C 209 -4.19 26.22 -0.34
N LEU C 210 -2.97 26.14 0.18
CA LEU C 210 -2.63 26.87 1.38
C LEU C 210 -2.72 28.39 1.17
N LEU C 211 -2.07 28.89 0.14
CA LEU C 211 -2.11 30.32 -0.14
C LEU C 211 -3.55 30.75 -0.40
N SER C 212 -4.22 30.10 -1.34
CA SER C 212 -5.60 30.46 -1.68
C SER C 212 -6.60 30.05 -0.59
N GLY C 213 -6.09 29.74 0.59
CA GLY C 213 -6.95 29.34 1.70
C GLY C 213 -7.94 28.23 1.37
N ILE C 214 -7.53 26.97 1.50
CA ILE C 214 -8.41 25.86 1.22
C ILE C 214 -8.43 24.76 2.28
N GLU C 215 -9.61 24.20 2.47
CA GLU C 215 -9.88 23.12 3.42
C GLU C 215 -9.06 21.88 3.06
N THR C 216 -7.84 21.80 3.57
CA THR C 216 -6.99 20.65 3.28
C THR C 216 -6.20 20.20 4.49
N PRO C 217 -6.02 18.88 4.62
CA PRO C 217 -5.26 18.31 5.74
C PRO C 217 -3.83 18.85 5.80
N ALA C 218 -3.13 18.45 6.84
CA ALA C 218 -1.73 18.84 7.05
C ALA C 218 -1.31 18.06 8.28
N GLY C 219 -0.06 18.23 8.69
CA GLY C 219 0.42 17.51 9.85
C GLY C 219 0.48 16.00 9.66
N GLU C 220 0.44 15.56 8.40
CA GLU C 220 0.52 14.14 8.10
C GLU C 220 1.84 13.89 7.39
N LEU C 221 2.16 12.62 7.22
CA LEU C 221 3.36 12.24 6.50
C LEU C 221 2.85 11.38 5.37
N ARG C 222 2.69 11.96 4.18
CA ARG C 222 2.20 11.21 3.04
C ARG C 222 3.36 10.47 2.36
N LEU C 223 3.15 9.18 2.12
CA LEU C 223 4.15 8.32 1.51
C LEU C 223 3.59 7.69 0.23
N PHE C 224 4.44 7.59 -0.78
CA PHE C 224 4.04 7.03 -2.06
C PHE C 224 4.96 5.88 -2.49
N ASP C 225 4.37 4.75 -2.86
CA ASP C 225 5.15 3.60 -3.31
C ASP C 225 4.98 3.54 -4.82
N GLY C 226 5.86 4.24 -5.54
CA GLY C 226 5.79 4.29 -6.98
C GLY C 226 5.75 2.94 -7.68
N LYS C 227 6.36 1.93 -7.07
CA LYS C 227 6.40 0.59 -7.64
C LYS C 227 5.04 -0.11 -7.56
N SER C 228 4.41 -0.10 -6.39
CA SER C 228 3.12 -0.75 -6.26
C SER C 228 2.00 0.23 -6.62
N SER C 229 2.39 1.48 -6.85
CA SER C 229 1.45 2.53 -7.21
C SER C 229 0.37 2.71 -6.15
N GLN C 230 0.78 2.74 -4.88
CA GLN C 230 -0.15 2.89 -3.77
C GLN C 230 0.29 3.95 -2.76
N TRP C 231 -0.68 4.67 -2.21
CA TRP C 231 -0.41 5.72 -1.24
C TRP C 231 -0.85 5.39 0.18
N ARG C 232 -0.28 6.09 1.16
CA ARG C 232 -0.65 5.90 2.56
C ARG C 232 -0.11 7.08 3.36
N SER C 233 -0.70 7.36 4.51
CA SER C 233 -0.23 8.46 5.33
C SER C 233 -0.04 8.07 6.78
N LEU C 234 0.96 8.67 7.41
CA LEU C 234 1.24 8.38 8.81
C LEU C 234 0.95 9.62 9.61
N ALA C 235 0.28 9.44 10.75
CA ALA C 235 -0.05 10.57 11.61
C ALA C 235 1.23 11.06 12.30
N LEU C 236 1.35 12.38 12.40
CA LEU C 236 2.51 12.99 13.03
C LEU C 236 2.10 13.67 14.33
N ARG C 237 2.91 13.48 15.37
CA ARG C 237 2.61 14.10 16.66
C ARG C 237 3.88 14.62 17.29
N ARG C 238 3.92 15.93 17.52
CA ARG C 238 5.10 16.56 18.10
C ARG C 238 5.66 15.80 19.29
N ALA C 239 6.98 15.80 19.40
CA ALA C 239 7.65 15.10 20.48
C ALA C 239 7.89 16.00 21.69
N SER C 240 7.48 15.52 22.85
CA SER C 240 7.66 16.26 24.08
C SER C 240 9.14 16.65 24.17
N GLY C 241 9.40 17.80 24.77
CA GLY C 241 10.78 18.25 24.90
C GLY C 241 11.53 18.35 23.59
N CYS C 242 10.82 18.65 22.51
CA CYS C 242 11.46 18.79 21.21
C CYS C 242 12.26 20.09 21.17
N PRO C 243 13.52 20.01 20.72
CA PRO C 243 14.42 21.17 20.61
C PRO C 243 13.78 22.39 19.94
N VAL C 244 12.65 22.20 19.29
CA VAL C 244 11.93 23.29 18.64
C VAL C 244 10.46 23.19 19.02
N CYS C 245 9.57 23.58 18.11
CA CYS C 245 8.13 23.57 18.34
C CYS C 245 7.74 23.04 19.72
N SER D 2 24.53 -0.27 -28.68
CA SER D 2 25.70 0.19 -27.88
C SER D 2 25.33 1.43 -27.07
N MET D 3 26.32 1.96 -26.33
CA MET D 3 26.14 3.15 -25.51
C MET D 3 27.53 3.73 -25.21
N ASN D 4 27.62 4.53 -24.14
CA ASN D 4 28.90 5.14 -23.78
C ASN D 4 28.73 6.07 -22.58
N ASP D 5 29.85 6.46 -21.97
CA ASP D 5 29.84 7.33 -20.80
C ASP D 5 28.81 8.46 -20.90
N ARG D 6 28.63 8.98 -22.11
CA ARG D 6 27.66 10.05 -22.36
C ARG D 6 26.32 9.53 -21.86
N ASP D 7 25.82 8.49 -22.52
CA ASP D 7 24.56 7.86 -22.16
C ASP D 7 24.54 7.39 -20.70
N PHE D 8 25.55 6.62 -20.31
CA PHE D 8 25.64 6.10 -18.95
C PHE D 8 25.46 7.18 -17.89
N MET D 9 25.79 8.43 -18.22
CA MET D 9 25.62 9.52 -17.27
C MET D 9 24.17 10.02 -17.31
N ARG D 10 23.69 10.25 -18.52
CA ARG D 10 22.34 10.72 -18.74
C ARG D 10 21.31 9.82 -18.03
N TYR D 11 21.42 8.51 -18.26
CA TYR D 11 20.49 7.56 -17.64
C TYR D 11 21.08 6.92 -16.39
N SER D 12 22.10 7.56 -15.83
CA SER D 12 22.76 7.01 -14.65
C SER D 12 21.88 6.83 -13.42
N ARG D 13 20.79 7.59 -13.32
CA ARG D 13 19.94 7.50 -12.14
C ARG D 13 18.89 6.41 -12.19
N GLN D 14 18.63 5.91 -13.39
CA GLN D 14 17.67 4.84 -13.54
C GLN D 14 18.48 3.54 -13.53
N ILE D 15 19.74 3.67 -13.91
CA ILE D 15 20.65 2.55 -13.99
C ILE D 15 21.09 2.08 -12.61
N LEU D 16 21.17 3.00 -11.65
CA LEU D 16 21.55 2.60 -10.32
C LEU D 16 20.41 1.82 -9.66
N LEU D 17 19.21 1.91 -10.22
CA LEU D 17 18.03 1.22 -9.66
C LEU D 17 17.95 -0.23 -10.07
N ASP D 18 18.04 -1.12 -9.09
CA ASP D 18 17.96 -2.56 -9.33
C ASP D 18 16.86 -2.93 -10.32
N ASP D 19 15.65 -2.42 -10.10
CA ASP D 19 14.50 -2.73 -10.95
C ASP D 19 14.56 -2.32 -12.43
N ILE D 20 15.57 -1.54 -12.80
CA ILE D 20 15.73 -1.11 -14.19
C ILE D 20 17.13 -1.51 -14.65
N ALA D 21 18.13 -0.83 -14.09
CA ALA D 21 19.54 -1.06 -14.39
C ALA D 21 19.83 -1.10 -15.88
N LEU D 22 21.09 -1.32 -16.23
CA LEU D 22 21.47 -1.47 -17.63
C LEU D 22 20.91 -2.79 -18.10
N ASP D 23 19.63 -2.80 -18.41
CA ASP D 23 18.92 -4.00 -18.86
C ASP D 23 17.59 -3.33 -19.13
N GLY D 24 17.14 -2.57 -18.14
CA GLY D 24 15.89 -1.85 -18.26
C GLY D 24 16.05 -0.68 -19.19
N GLN D 25 17.12 0.09 -18.97
CA GLN D 25 17.43 1.25 -19.78
C GLN D 25 17.48 0.83 -21.24
N GLN D 26 18.08 -0.35 -21.44
CA GLN D 26 18.19 -0.90 -22.78
C GLN D 26 16.77 -1.05 -23.33
N LYS D 27 15.90 -1.70 -22.56
CA LYS D 27 14.51 -1.89 -22.99
C LYS D 27 13.86 -0.55 -23.30
N LEU D 28 14.14 0.45 -22.46
CA LEU D 28 13.57 1.77 -22.64
C LEU D 28 13.93 2.33 -24.02
N LEU D 29 15.23 2.36 -24.31
CA LEU D 29 15.70 2.86 -25.58
C LEU D 29 15.17 2.07 -26.77
N ASP D 30 14.73 0.84 -26.55
CA ASP D 30 14.21 0.03 -27.65
C ASP D 30 12.68 0.08 -27.72
N SER D 31 12.07 0.94 -26.92
CA SER D 31 10.61 1.02 -26.87
C SER D 31 10.00 2.20 -27.60
N GLN D 32 8.73 2.05 -27.99
CA GLN D 32 7.99 3.14 -28.63
C GLN D 32 6.67 3.44 -27.90
N VAL D 33 6.43 4.73 -27.65
CA VAL D 33 5.22 5.18 -26.96
C VAL D 33 4.46 6.22 -27.80
N LEU D 34 3.15 6.05 -27.90
CA LEU D 34 2.30 6.98 -28.65
C LEU D 34 1.53 7.86 -27.66
N ILE D 35 1.99 9.10 -27.49
CA ILE D 35 1.32 10.03 -26.56
C ILE D 35 0.27 10.85 -27.30
N ILE D 36 -0.99 10.45 -27.20
CA ILE D 36 -2.08 11.17 -27.87
C ILE D 36 -2.64 12.31 -27.03
N GLY D 37 -2.49 13.53 -27.53
CA GLY D 37 -2.96 14.70 -26.82
C GLY D 37 -1.82 15.34 -26.05
N LEU D 38 -1.59 16.64 -26.21
CA LEU D 38 -0.49 17.30 -25.50
C LEU D 38 -0.90 18.46 -24.63
N GLY D 39 -1.86 18.22 -23.73
CA GLY D 39 -2.31 19.26 -22.82
C GLY D 39 -1.70 19.08 -21.44
N GLY D 40 -2.52 19.25 -20.40
CA GLY D 40 -2.04 19.10 -19.03
C GLY D 40 -1.59 17.68 -18.73
N LEU D 41 -2.14 16.72 -19.46
CA LEU D 41 -1.75 15.32 -19.27
C LEU D 41 -0.49 15.02 -20.06
N GLY D 42 -0.63 15.00 -21.39
CA GLY D 42 0.49 14.70 -22.28
C GLY D 42 1.74 15.56 -22.12
N THR D 43 1.58 16.78 -21.64
CA THR D 43 2.76 17.64 -21.48
C THR D 43 3.84 17.14 -20.54
N PRO D 44 3.50 16.76 -19.30
CA PRO D 44 4.60 16.29 -18.46
C PRO D 44 4.85 14.81 -18.69
N ALA D 45 3.89 14.13 -19.30
CA ALA D 45 4.08 12.71 -19.58
C ALA D 45 5.22 12.59 -20.58
N ALA D 46 5.19 13.49 -21.57
CA ALA D 46 6.20 13.52 -22.62
C ALA D 46 7.55 13.89 -22.03
N LEU D 47 7.59 14.98 -21.27
CA LEU D 47 8.84 15.40 -20.64
C LEU D 47 9.48 14.27 -19.85
N TYR D 48 8.68 13.56 -19.04
CA TYR D 48 9.21 12.48 -18.23
C TYR D 48 9.64 11.26 -19.04
N LEU D 49 8.84 10.86 -20.01
CA LEU D 49 9.20 9.71 -20.82
C LEU D 49 10.44 10.01 -21.67
N ALA D 50 10.59 11.26 -22.07
CA ALA D 50 11.73 11.68 -22.88
C ALA D 50 12.98 11.57 -22.02
N GLY D 51 13.06 12.42 -21.01
CA GLY D 51 14.21 12.40 -20.12
C GLY D 51 14.49 11.02 -19.58
N ALA D 52 13.51 10.14 -19.64
CA ALA D 52 13.66 8.78 -19.13
C ALA D 52 14.36 7.86 -20.14
N GLY D 53 14.46 8.31 -21.38
CA GLY D 53 15.13 7.51 -22.38
C GLY D 53 14.20 6.61 -23.17
N VAL D 54 12.93 6.97 -23.28
CA VAL D 54 12.06 6.12 -24.09
C VAL D 54 12.58 6.33 -25.52
N GLY D 55 12.97 5.24 -26.17
CA GLY D 55 13.51 5.33 -27.52
C GLY D 55 12.71 6.11 -28.56
N THR D 56 11.41 5.84 -28.65
CA THR D 56 10.56 6.52 -29.63
C THR D 56 9.27 7.07 -29.04
N LEU D 57 9.07 8.37 -29.21
CA LEU D 57 7.88 9.06 -28.74
C LEU D 57 7.12 9.60 -29.94
N VAL D 58 5.84 9.29 -30.05
CA VAL D 58 5.06 9.80 -31.16
C VAL D 58 4.03 10.79 -30.62
N LEU D 59 4.43 12.05 -30.47
CA LEU D 59 3.54 13.08 -29.98
C LEU D 59 2.45 13.32 -31.03
N ALA D 60 1.22 13.57 -30.58
CA ALA D 60 0.10 13.82 -31.50
C ALA D 60 -0.87 14.84 -30.91
N ASP D 61 -1.31 15.78 -31.74
CA ASP D 61 -2.24 16.83 -31.31
C ASP D 61 -2.58 17.76 -32.48
N ASP D 62 -3.87 18.02 -32.66
CA ASP D 62 -4.32 18.89 -33.74
C ASP D 62 -4.77 20.23 -33.18
N ASP D 63 -3.88 20.92 -32.47
CA ASP D 63 -4.24 22.20 -31.86
C ASP D 63 -3.02 23.08 -31.56
N ASP D 64 -3.27 24.36 -31.30
CA ASP D 64 -2.18 25.31 -31.05
C ASP D 64 -2.14 25.93 -29.64
N VAL D 65 -0.94 26.29 -29.22
CA VAL D 65 -0.72 26.87 -27.91
C VAL D 65 -1.43 28.21 -27.67
N HIS D 66 -2.42 28.21 -26.77
CA HIS D 66 -3.18 29.43 -26.42
C HIS D 66 -2.82 29.86 -24.99
N LEU D 67 -2.96 31.16 -24.69
CA LEU D 67 -2.65 31.70 -23.36
C LEU D 67 -3.39 31.00 -22.21
N SER D 68 -4.59 30.49 -22.52
CA SER D 68 -5.40 29.78 -21.54
C SER D 68 -4.91 28.33 -21.41
N ASN D 69 -3.59 28.14 -21.50
CA ASN D 69 -2.92 26.83 -21.41
C ASN D 69 -1.73 26.86 -20.47
N LEU D 70 -1.03 27.98 -20.48
CA LEU D 70 0.18 28.12 -19.69
C LEU D 70 0.11 27.84 -18.20
N GLN D 71 -1.05 27.49 -17.65
CA GLN D 71 -1.11 27.22 -16.22
C GLN D 71 -1.01 25.73 -15.89
N ARG D 72 -1.21 24.88 -16.89
CA ARG D 72 -1.15 23.43 -16.69
C ARG D 72 -0.42 22.67 -17.79
N GLN D 73 -0.19 23.33 -18.94
CA GLN D 73 0.52 22.72 -20.06
C GLN D 73 1.92 23.35 -20.06
N ILE D 74 2.78 22.78 -19.21
CA ILE D 74 4.16 23.23 -19.01
C ILE D 74 5.16 23.26 -20.14
N LEU D 75 5.06 22.31 -21.05
CA LEU D 75 5.98 22.25 -22.17
C LEU D 75 6.01 23.53 -23.01
N PHE D 76 4.98 24.36 -22.90
CA PHE D 76 4.84 25.60 -23.66
C PHE D 76 5.12 26.87 -22.87
N THR D 77 5.26 27.99 -23.57
CA THR D 77 5.50 29.30 -22.94
C THR D 77 4.79 30.40 -23.72
N THR D 78 4.98 31.63 -23.28
CA THR D 78 4.37 32.78 -23.94
C THR D 78 4.81 32.84 -25.40
N GLU D 79 6.11 32.75 -25.65
CA GLU D 79 6.65 32.80 -27.01
C GLU D 79 6.05 31.77 -27.95
N ASP D 80 5.51 30.69 -27.39
CA ASP D 80 4.97 29.63 -28.24
C ASP D 80 3.51 29.78 -28.64
N ILE D 81 2.85 30.83 -28.16
CA ILE D 81 1.44 30.96 -28.48
C ILE D 81 1.13 31.00 -29.97
N ASP D 82 0.05 30.33 -30.36
CA ASP D 82 -0.39 30.27 -31.74
C ASP D 82 0.34 29.21 -32.57
N ARG D 83 1.56 28.87 -32.19
CA ARG D 83 2.26 27.83 -32.94
C ARG D 83 1.81 26.49 -32.41
N PRO D 84 1.63 25.51 -33.31
CA PRO D 84 1.20 24.13 -33.05
C PRO D 84 1.91 23.45 -31.90
N LYS D 85 1.14 22.86 -30.99
CA LYS D 85 1.69 22.15 -29.83
C LYS D 85 2.46 20.96 -30.37
N SER D 86 1.87 20.34 -31.39
CA SER D 86 2.41 19.17 -32.05
C SER D 86 3.91 19.29 -32.34
N GLN D 87 4.29 20.45 -32.88
CA GLN D 87 5.69 20.67 -33.22
C GLN D 87 6.44 21.45 -32.14
N VAL D 88 5.76 22.31 -31.38
CA VAL D 88 6.47 23.06 -30.32
C VAL D 88 6.96 22.07 -29.28
N SER D 89 6.30 20.93 -29.18
CA SER D 89 6.67 19.88 -28.24
C SER D 89 7.89 19.17 -28.78
N GLN D 90 7.75 18.58 -29.97
CA GLN D 90 8.84 17.88 -30.63
C GLN D 90 10.12 18.71 -30.58
N GLN D 91 9.94 20.03 -30.59
CA GLN D 91 11.04 20.94 -30.52
C GLN D 91 11.70 20.92 -29.15
N ARG D 92 10.95 21.32 -28.12
CA ARG D 92 11.55 21.37 -26.78
C ARG D 92 11.97 20.01 -26.22
N LEU D 93 11.33 18.93 -26.63
CA LEU D 93 11.73 17.64 -26.11
C LEU D 93 13.12 17.26 -26.66
N THR D 94 13.30 17.56 -27.95
CA THR D 94 14.57 17.32 -28.63
C THR D 94 15.68 18.06 -27.87
N GLN D 95 15.41 19.26 -27.41
CA GLN D 95 16.42 20.02 -26.67
C GLN D 95 16.80 19.28 -25.37
N LEU D 96 15.81 18.61 -24.78
CA LEU D 96 16.02 17.87 -23.54
C LEU D 96 16.84 16.61 -23.76
N ASN D 97 16.38 15.78 -24.68
CA ASN D 97 17.04 14.52 -25.01
C ASN D 97 17.06 14.40 -26.52
N PRO D 98 18.20 14.75 -27.16
CA PRO D 98 18.33 14.68 -28.62
C PRO D 98 18.63 13.27 -29.13
N ASP D 99 19.15 12.44 -28.25
CA ASP D 99 19.50 11.06 -28.58
C ASP D 99 18.32 10.13 -28.88
N ILE D 100 17.08 10.64 -28.76
CA ILE D 100 15.87 9.81 -28.99
C ILE D 100 15.01 10.28 -30.18
N GLN D 101 14.31 9.34 -30.80
CA GLN D 101 13.48 9.67 -31.96
C GLN D 101 12.08 10.19 -31.65
N LEU D 102 11.91 11.52 -31.71
CA LEU D 102 10.64 12.20 -31.43
C LEU D 102 9.78 12.57 -32.65
N THR D 103 9.03 11.59 -33.16
CA THR D 103 8.13 11.78 -34.31
C THR D 103 6.87 12.63 -33.97
N ALA D 104 6.85 13.91 -34.30
CA ALA D 104 5.65 14.72 -34.01
C ALA D 104 4.49 14.33 -34.94
N LEU D 105 3.40 15.10 -34.93
CA LEU D 105 2.24 14.75 -35.75
C LEU D 105 1.11 15.76 -35.58
N GLN D 106 1.14 16.85 -36.34
CA GLN D 106 0.12 17.88 -36.23
C GLN D 106 -1.21 17.47 -36.84
N GLN D 107 -1.49 16.18 -36.78
CA GLN D 107 -2.73 15.61 -37.30
C GLN D 107 -3.63 15.37 -36.07
N ARG D 108 -4.64 14.52 -36.23
CA ARG D 108 -5.54 14.17 -35.14
C ARG D 108 -5.94 12.71 -35.34
N LEU D 109 -5.04 11.82 -34.95
CA LEU D 109 -5.23 10.37 -35.10
C LEU D 109 -6.68 9.88 -35.15
N THR D 110 -7.02 9.18 -36.23
CA THR D 110 -8.36 8.65 -36.39
C THR D 110 -8.36 7.56 -37.47
N GLY D 111 -9.41 6.76 -37.48
CA GLY D 111 -9.53 5.70 -38.47
C GLY D 111 -8.29 4.84 -38.64
N GLU D 112 -7.89 4.62 -39.89
CA GLU D 112 -6.73 3.80 -40.18
C GLU D 112 -5.42 4.48 -39.78
N ALA D 113 -5.42 5.81 -39.80
CA ALA D 113 -4.23 6.55 -39.42
C ALA D 113 -3.89 6.18 -37.98
N LEU D 114 -4.93 6.13 -37.14
CA LEU D 114 -4.79 5.79 -35.73
C LEU D 114 -4.42 4.33 -35.53
N LYS D 115 -5.17 3.42 -36.13
CA LYS D 115 -4.90 2.00 -35.99
C LYS D 115 -3.44 1.64 -36.21
N ASP D 116 -2.78 2.33 -37.13
CA ASP D 116 -1.38 2.04 -37.41
C ASP D 116 -0.44 2.54 -36.34
N ALA D 117 -0.65 3.79 -35.90
CA ALA D 117 0.20 4.38 -34.87
C ALA D 117 0.18 3.57 -33.57
N VAL D 118 -0.94 2.90 -33.31
CA VAL D 118 -1.12 2.07 -32.13
C VAL D 118 -0.24 0.82 -32.21
N ALA D 119 -0.37 0.07 -33.30
CA ALA D 119 0.41 -1.15 -33.47
C ALA D 119 1.90 -0.88 -33.39
N ARG D 120 2.32 0.26 -33.94
CA ARG D 120 3.72 0.65 -33.92
C ARG D 120 4.18 0.93 -32.51
N ALA D 121 3.31 1.53 -31.71
CA ALA D 121 3.62 1.84 -30.32
C ALA D 121 3.49 0.59 -29.44
N ASP D 122 4.39 0.46 -28.47
CA ASP D 122 4.37 -0.66 -27.55
C ASP D 122 3.31 -0.36 -26.48
N VAL D 123 3.25 0.91 -26.07
CA VAL D 123 2.29 1.37 -25.08
C VAL D 123 1.70 2.69 -25.53
N VAL D 124 0.39 2.84 -25.36
CA VAL D 124 -0.27 4.09 -25.74
C VAL D 124 -0.74 4.88 -24.52
N LEU D 125 -0.54 6.19 -24.56
CA LEU D 125 -1.00 7.04 -23.47
C LEU D 125 -2.10 7.91 -24.03
N ASP D 126 -3.31 7.78 -23.48
CA ASP D 126 -4.42 8.61 -23.89
C ASP D 126 -4.26 9.88 -23.07
N CYS D 127 -4.20 11.02 -23.73
CA CYS D 127 -4.07 12.27 -23.02
C CYS D 127 -4.99 13.25 -23.71
N THR D 128 -6.02 12.69 -24.34
CA THR D 128 -7.00 13.47 -25.07
C THR D 128 -8.20 13.67 -24.19
N ASP D 129 -8.18 14.66 -23.30
CA ASP D 129 -9.32 14.87 -22.42
C ASP D 129 -10.60 15.06 -23.27
N ASN D 130 -11.09 13.94 -23.80
CA ASN D 130 -12.29 13.89 -24.64
C ASN D 130 -12.72 12.42 -24.81
N MET D 131 -13.97 12.16 -24.41
CA MET D 131 -14.56 10.83 -24.46
C MET D 131 -14.56 10.15 -25.82
N ALA D 132 -15.12 10.83 -26.81
CA ALA D 132 -15.23 10.28 -28.15
C ALA D 132 -13.93 9.65 -28.64
N THR D 133 -12.85 10.41 -28.57
CA THR D 133 -11.55 9.92 -29.03
C THR D 133 -11.06 8.68 -28.26
N ARG D 134 -11.22 8.70 -26.94
CA ARG D 134 -10.80 7.57 -26.09
C ARG D 134 -11.46 6.30 -26.58
N GLN D 135 -12.78 6.36 -26.68
CA GLN D 135 -13.54 5.22 -27.13
C GLN D 135 -12.85 4.67 -28.36
N GLU D 136 -12.50 5.56 -29.29
CA GLU D 136 -11.84 5.14 -30.51
C GLU D 136 -10.48 4.55 -30.17
N ILE D 137 -9.65 5.32 -29.47
CA ILE D 137 -8.33 4.85 -29.06
C ILE D 137 -8.41 3.49 -28.38
N ASN D 138 -9.43 3.30 -27.55
CA ASN D 138 -9.61 2.05 -26.84
C ASN D 138 -9.81 0.93 -27.83
N ALA D 139 -10.86 1.04 -28.64
CA ALA D 139 -11.19 0.03 -29.64
C ALA D 139 -9.92 -0.36 -30.41
N ALA D 140 -9.11 0.64 -30.71
CA ALA D 140 -7.86 0.42 -31.43
C ALA D 140 -6.93 -0.43 -30.57
N CYS D 141 -6.52 0.13 -29.43
CA CYS D 141 -5.61 -0.53 -28.51
C CYS D 141 -6.04 -1.95 -28.19
N VAL D 142 -7.34 -2.15 -28.00
CA VAL D 142 -7.86 -3.48 -27.69
C VAL D 142 -7.64 -4.42 -28.87
N ALA D 143 -8.13 -3.99 -30.03
CA ALA D 143 -8.01 -4.77 -31.24
C ALA D 143 -6.57 -5.18 -31.52
N LEU D 144 -5.63 -4.29 -31.29
CA LEU D 144 -4.24 -4.60 -31.55
C LEU D 144 -3.42 -4.97 -30.32
N ASN D 145 -4.08 -5.53 -29.30
CA ASN D 145 -3.41 -5.95 -28.08
C ASN D 145 -2.27 -5.01 -27.66
N THR D 146 -2.57 -3.72 -27.65
CA THR D 146 -1.57 -2.73 -27.27
C THR D 146 -2.00 -2.02 -25.99
N PRO D 147 -1.24 -2.18 -24.90
CA PRO D 147 -1.51 -1.56 -23.61
C PRO D 147 -1.97 -0.12 -23.74
N LEU D 148 -2.93 0.28 -22.92
CA LEU D 148 -3.43 1.64 -22.92
C LEU D 148 -3.44 2.21 -21.51
N ILE D 149 -3.09 3.48 -21.40
CA ILE D 149 -3.09 4.15 -20.11
C ILE D 149 -3.87 5.47 -20.26
N THR D 150 -5.15 5.45 -19.88
CA THR D 150 -6.00 6.65 -19.94
C THR D 150 -5.99 7.40 -18.63
N ALA D 151 -6.33 8.67 -18.71
CA ALA D 151 -6.38 9.52 -17.54
C ALA D 151 -7.18 10.75 -17.89
N SER D 152 -7.64 11.46 -16.86
CA SER D 152 -8.44 12.66 -17.03
C SER D 152 -8.37 13.48 -15.78
N ALA D 153 -8.88 14.69 -15.83
CA ALA D 153 -8.85 15.55 -14.67
C ALA D 153 -9.79 16.74 -14.77
N VAL D 154 -10.42 17.08 -13.64
CA VAL D 154 -11.36 18.19 -13.53
C VAL D 154 -11.20 18.83 -12.14
N GLY D 155 -11.10 20.15 -12.10
CA GLY D 155 -10.97 20.85 -10.83
C GLY D 155 -9.89 20.34 -9.93
N PHE D 156 -10.24 19.45 -9.00
CA PHE D 156 -9.26 18.88 -8.09
C PHE D 156 -9.26 17.36 -8.15
N GLY D 157 -9.99 16.78 -9.09
CA GLY D 157 -10.01 15.34 -9.17
C GLY D 157 -9.32 14.79 -10.40
N GLY D 158 -8.93 13.52 -10.35
CA GLY D 158 -8.28 12.90 -11.48
C GLY D 158 -8.47 11.39 -11.46
N GLN D 159 -8.44 10.76 -12.62
CA GLN D 159 -8.58 9.32 -12.67
C GLN D 159 -7.43 8.83 -13.54
N LEU D 160 -7.11 7.54 -13.41
CA LEU D 160 -6.03 6.91 -14.16
C LEU D 160 -6.17 5.40 -14.04
N MET D 161 -6.21 4.72 -15.18
CA MET D 161 -6.31 3.27 -15.16
C MET D 161 -5.38 2.70 -16.24
N VAL D 162 -4.78 1.55 -15.96
CA VAL D 162 -3.89 0.90 -16.90
C VAL D 162 -4.58 -0.34 -17.43
N LEU D 163 -4.83 -0.38 -18.74
CA LEU D 163 -5.51 -1.51 -19.36
C LEU D 163 -4.54 -2.26 -20.25
N THR D 164 -4.26 -3.51 -19.92
CA THR D 164 -3.30 -4.28 -20.72
C THR D 164 -3.86 -5.50 -21.44
N PRO D 165 -3.28 -5.83 -22.61
CA PRO D 165 -3.58 -6.93 -23.54
C PRO D 165 -4.41 -8.10 -23.04
N PRO D 166 -4.00 -8.74 -21.94
CA PRO D 166 -4.84 -9.87 -21.51
C PRO D 166 -6.31 -9.43 -21.42
N TRP D 167 -6.53 -8.17 -21.06
CA TRP D 167 -7.87 -7.61 -20.92
C TRP D 167 -8.64 -8.37 -19.84
N GLU D 168 -7.89 -8.88 -18.87
CA GLU D 168 -8.43 -9.65 -17.75
C GLU D 168 -9.55 -8.88 -17.05
N GLN D 169 -9.26 -7.64 -16.64
CA GLN D 169 -10.27 -6.81 -16.01
C GLN D 169 -10.99 -6.29 -17.23
N GLY D 170 -11.64 -5.13 -17.13
CA GLY D 170 -12.35 -4.63 -18.29
C GLY D 170 -11.54 -4.06 -19.45
N CYS D 171 -12.07 -2.98 -20.01
CA CYS D 171 -11.51 -2.20 -21.11
C CYS D 171 -12.28 -0.90 -20.96
N TYR D 172 -11.95 0.15 -21.73
CA TYR D 172 -12.70 1.38 -21.52
C TYR D 172 -14.17 1.21 -21.87
N ARG D 173 -14.48 0.38 -22.86
CA ARG D 173 -15.86 0.17 -23.24
C ARG D 173 -16.62 -0.59 -22.16
N CYS D 174 -15.92 -1.44 -21.43
CA CYS D 174 -16.54 -2.20 -20.34
C CYS D 174 -16.93 -1.23 -19.23
N LEU D 175 -16.09 -0.23 -19.01
CA LEU D 175 -16.37 0.76 -17.98
C LEU D 175 -17.36 1.80 -18.52
N TRP D 176 -17.40 1.95 -19.83
CA TRP D 176 -18.30 2.91 -20.47
C TRP D 176 -18.87 2.41 -21.77
N PRO D 177 -20.11 1.89 -21.76
CA PRO D 177 -20.69 1.41 -23.01
C PRO D 177 -21.36 2.56 -23.77
N ASP D 178 -21.36 3.75 -23.15
CA ASP D 178 -21.95 4.93 -23.76
C ASP D 178 -20.98 6.11 -23.79
N ASN D 179 -20.99 6.84 -24.91
CA ASN D 179 -20.12 8.00 -25.07
C ASN D 179 -20.51 9.12 -24.13
N ALA D 189 -15.97 23.85 -15.23
CA ALA D 189 -15.24 23.23 -16.34
C ALA D 189 -13.74 23.56 -16.28
N GLY D 190 -13.27 23.99 -15.09
CA GLY D 190 -11.86 24.34 -14.90
C GLY D 190 -11.00 23.25 -14.28
N VAL D 191 -9.70 23.50 -14.13
CA VAL D 191 -8.76 22.53 -13.55
C VAL D 191 -7.61 23.16 -12.80
N VAL D 192 -7.08 22.41 -11.87
CA VAL D 192 -5.93 22.88 -11.11
C VAL D 192 -4.73 22.36 -11.89
N GLY D 193 -3.68 23.19 -12.02
CA GLY D 193 -2.49 22.76 -12.75
C GLY D 193 -1.95 21.45 -12.20
N PRO D 194 -1.50 21.47 -10.92
CA PRO D 194 -0.95 20.33 -10.23
C PRO D 194 -1.77 19.05 -10.27
N VAL D 195 -3.08 19.14 -10.45
CA VAL D 195 -3.87 17.91 -10.49
C VAL D 195 -3.75 17.16 -11.82
N VAL D 196 -3.76 17.86 -12.95
CA VAL D 196 -3.59 17.15 -14.22
C VAL D 196 -2.13 16.69 -14.26
N GLY D 197 -1.26 17.54 -13.73
CA GLY D 197 0.16 17.21 -13.71
C GLY D 197 0.38 15.82 -13.15
N VAL D 198 0.02 15.65 -11.88
CA VAL D 198 0.15 14.37 -11.21
C VAL D 198 -0.34 13.24 -12.08
N MET D 199 -1.52 13.39 -12.65
CA MET D 199 -2.07 12.32 -13.47
C MET D 199 -1.23 11.93 -14.70
N GLY D 200 -0.68 12.94 -15.38
CA GLY D 200 0.13 12.70 -16.56
C GLY D 200 1.47 12.13 -16.14
N THR D 201 2.07 12.78 -15.15
CA THR D 201 3.33 12.29 -14.64
C THR D 201 3.13 10.83 -14.21
N LEU D 202 2.01 10.52 -13.56
CA LEU D 202 1.77 9.14 -13.17
C LEU D 202 1.59 8.28 -14.39
N GLN D 203 1.12 8.88 -15.48
CA GLN D 203 0.94 8.13 -16.71
C GLN D 203 2.29 7.69 -17.20
N ALA D 204 3.27 8.58 -17.07
CA ALA D 204 4.62 8.28 -17.50
C ALA D 204 5.13 7.14 -16.64
N LEU D 205 4.93 7.26 -15.33
CA LEU D 205 5.38 6.23 -14.40
C LEU D 205 4.86 4.86 -14.77
N GLU D 206 3.56 4.75 -14.99
CA GLU D 206 3.00 3.45 -15.36
C GLU D 206 3.62 2.89 -16.62
N ALA D 207 3.77 3.74 -17.63
CA ALA D 207 4.38 3.31 -18.89
C ALA D 207 5.84 2.87 -18.70
N ILE D 208 6.63 3.67 -17.98
CA ILE D 208 8.02 3.30 -17.72
C ILE D 208 8.07 1.91 -17.11
N LYS D 209 7.29 1.70 -16.05
CA LYS D 209 7.25 0.39 -15.40
C LYS D 209 6.80 -0.67 -16.39
N LEU D 210 5.71 -0.39 -17.07
CA LEU D 210 5.15 -1.31 -18.03
C LEU D 210 6.16 -1.64 -19.14
N LEU D 211 6.93 -0.65 -19.57
CA LEU D 211 7.91 -0.88 -20.62
C LEU D 211 9.13 -1.65 -20.14
N SER D 212 9.52 -1.46 -18.90
CA SER D 212 10.71 -2.14 -18.40
C SER D 212 10.43 -3.44 -17.63
N GLY D 213 9.24 -4.00 -17.82
CA GLY D 213 8.89 -5.24 -17.17
C GLY D 213 8.68 -5.23 -15.66
N ILE D 214 8.48 -4.05 -15.08
CA ILE D 214 8.25 -3.93 -13.65
C ILE D 214 6.81 -4.26 -13.31
N GLU D 215 6.61 -5.31 -12.51
CA GLU D 215 5.27 -5.78 -12.10
C GLU D 215 4.50 -4.74 -11.29
N THR D 216 3.30 -4.40 -11.77
CA THR D 216 2.46 -3.43 -11.09
C THR D 216 0.97 -3.73 -11.22
N PRO D 217 0.20 -3.41 -10.19
CA PRO D 217 -1.24 -3.64 -10.22
C PRO D 217 -1.80 -3.03 -11.50
N ALA D 218 -2.72 -3.73 -12.15
CA ALA D 218 -3.33 -3.21 -13.37
C ALA D 218 -4.81 -3.53 -13.33
N GLY D 219 -5.57 -2.91 -14.23
CA GLY D 219 -7.00 -3.14 -14.27
C GLY D 219 -7.69 -2.53 -13.06
N GLU D 220 -7.12 -1.44 -12.54
CA GLU D 220 -7.71 -0.77 -11.39
C GLU D 220 -7.88 0.69 -11.72
N LEU D 221 -8.99 1.27 -11.27
CA LEU D 221 -9.26 2.67 -11.55
C LEU D 221 -8.88 3.55 -10.38
N ARG D 222 -7.66 4.07 -10.40
CA ARG D 222 -7.21 4.93 -9.32
C ARG D 222 -7.88 6.29 -9.47
N LEU D 223 -8.38 6.84 -8.35
CA LEU D 223 -9.05 8.16 -8.36
C LEU D 223 -8.39 9.06 -7.31
N PHE D 224 -8.11 10.30 -7.69
CA PHE D 224 -7.45 11.21 -6.77
C PHE D 224 -8.26 12.45 -6.46
N ASP D 225 -8.33 12.79 -5.18
CA ASP D 225 -9.07 13.96 -4.78
C ASP D 225 -8.06 14.98 -4.29
N GLY D 226 -7.73 15.91 -5.19
CA GLY D 226 -6.79 16.95 -4.85
C GLY D 226 -7.11 17.76 -3.63
N LYS D 227 -8.40 18.00 -3.35
CA LYS D 227 -8.78 18.81 -2.19
C LYS D 227 -8.56 18.07 -0.87
N SER D 228 -9.18 16.91 -0.74
CA SER D 228 -9.02 16.14 0.48
C SER D 228 -7.65 15.45 0.54
N SER D 229 -6.97 15.41 -0.61
CA SER D 229 -5.66 14.79 -0.70
C SER D 229 -5.72 13.30 -0.34
N GLN D 230 -6.61 12.59 -1.02
CA GLN D 230 -6.76 11.18 -0.75
C GLN D 230 -6.99 10.41 -2.04
N TRP D 231 -6.51 9.17 -2.07
CA TRP D 231 -6.68 8.34 -3.24
C TRP D 231 -7.67 7.23 -2.95
N ARG D 232 -8.31 6.71 -3.98
CA ARG D 232 -9.31 5.67 -3.84
C ARG D 232 -9.26 4.87 -5.13
N SER D 233 -9.41 3.55 -5.06
CA SER D 233 -9.34 2.75 -6.27
C SER D 233 -10.61 1.91 -6.47
N LEU D 234 -11.10 1.86 -7.69
CA LEU D 234 -12.29 1.06 -7.97
C LEU D 234 -11.77 -0.17 -8.66
N ALA D 235 -12.31 -1.32 -8.33
CA ALA D 235 -11.86 -2.55 -8.95
C ALA D 235 -12.58 -2.71 -10.27
N LEU D 236 -11.90 -2.39 -11.37
CA LEU D 236 -12.50 -2.54 -12.69
C LEU D 236 -12.70 -4.03 -12.98
N ARG D 237 -13.78 -4.33 -13.67
CA ARG D 237 -14.06 -5.70 -14.05
C ARG D 237 -14.69 -5.66 -15.43
N ARG D 238 -14.42 -6.68 -16.24
CA ARG D 238 -14.97 -6.70 -17.57
C ARG D 238 -16.47 -6.93 -17.56
N ALA D 239 -17.15 -6.21 -18.43
CA ALA D 239 -18.60 -6.32 -18.54
C ALA D 239 -18.90 -7.63 -19.26
N SER D 240 -19.79 -8.43 -18.67
CA SER D 240 -20.18 -9.72 -19.26
C SER D 240 -20.62 -9.50 -20.69
N GLY D 241 -19.80 -9.95 -21.64
CA GLY D 241 -20.12 -9.78 -23.05
C GLY D 241 -20.06 -8.30 -23.46
N CYS D 242 -18.85 -7.77 -23.56
CA CYS D 242 -18.67 -6.37 -23.94
C CYS D 242 -18.63 -6.19 -25.45
N PRO D 243 -19.16 -5.05 -25.93
CA PRO D 243 -19.20 -4.71 -27.36
C PRO D 243 -17.84 -4.85 -28.05
N VAL D 244 -16.76 -4.94 -27.27
CA VAL D 244 -15.44 -5.04 -27.88
C VAL D 244 -14.51 -6.17 -27.42
N CYS D 245 -14.11 -6.19 -26.16
CA CYS D 245 -13.19 -7.25 -25.74
C CYS D 245 -13.78 -8.67 -25.83
N GLY D 246 -14.92 -8.93 -25.18
CA GLY D 246 -15.53 -10.25 -25.21
C GLY D 246 -14.67 -11.41 -25.71
#